data_5XK1
# 
_entry.id   5XK1 
# 
_audit_conform.dict_name       mmcif_pdbx.dic 
_audit_conform.dict_version    5.380 
_audit_conform.dict_location   http://mmcif.pdb.org/dictionaries/ascii/mmcif_pdbx.dic 
# 
loop_
_database_2.database_id 
_database_2.database_code 
_database_2.pdbx_database_accession 
_database_2.pdbx_DOI 
PDB   5XK1         pdb_00005xk1 10.2210/pdb5xk1/pdb 
WWPDB D_1300003667 ?            ?                   
# 
_pdbx_database_status.status_code                     REL 
_pdbx_database_status.status_code_sf                  REL 
_pdbx_database_status.status_code_mr                  ? 
_pdbx_database_status.entry_id                        5XK1 
_pdbx_database_status.recvd_initial_deposition_date   2017-05-04 
_pdbx_database_status.SG_entry                        N 
_pdbx_database_status.deposit_site                    PDBJ 
_pdbx_database_status.process_site                    PDBJ 
_pdbx_database_status.status_code_cs                  ? 
_pdbx_database_status.methods_development_category    ? 
_pdbx_database_status.pdb_format_compatible           Y 
_pdbx_database_status.status_code_nmr_data            ? 
# 
loop_
_audit_author.name 
_audit_author.pdbx_ordinal 
_audit_author.identifier_ORCID 
'Liu, H.H.' 1 ? 
'Gan, J.H.' 2 ? 
# 
_citation.abstract                  ? 
_citation.abstract_id_CAS           ? 
_citation.book_id_ISBN              ? 
_citation.book_publisher            ? 
_citation.book_publisher_city       ? 
_citation.book_title                ? 
_citation.coordinate_linkage        ? 
_citation.country                   GE 
_citation.database_id_Medline       ? 
_citation.details                   ? 
_citation.id                        primary 
_citation.journal_abbrev            'Angew. Chem. Int. Ed. Engl.' 
_citation.journal_id_ASTM           ACIEAY 
_citation.journal_id_CSD            0179 
_citation.journal_id_ISSN           1521-3773 
_citation.journal_full              ? 
_citation.journal_issue             ? 
_citation.journal_volume            56 
_citation.language                  ? 
_citation.page_first                9430 
_citation.page_last                 9434 
_citation.title                     'A DNA Structure Containing AgI -Mediated G:G and C:C Base Pairs.' 
_citation.year                      2017 
_citation.database_id_CSD           ? 
_citation.pdbx_database_id_DOI      10.1002/anie.201704891 
_citation.pdbx_database_id_PubMed   28635152 
_citation.unpublished_flag          ? 
# 
loop_
_citation_author.citation_id 
_citation_author.name 
_citation_author.ordinal 
_citation_author.identifier_ORCID 
primary 'Liu, H.H.'           1  ? 
primary 'Shen, F.S.'          2  ? 
primary 'Haruehanroengra, P.' 3  ? 
primary 'Yao, Q.Q.'           4  ? 
primary 'Cheng, Y.S.'         5  ? 
primary 'Chen, Y.Q.'          6  ? 
primary 'Yang, C.'            7  ? 
primary 'Zhang, J.'           8  ? 
primary 'Wu, B.X.'            9  ? 
primary 'Luo, Q.'             10 ? 
primary 'Cui, R.X.'           11 ? 
primary 'Li, J.X.'            12 ? 
primary 'Ma, J.B.'            13 ? 
primary 'Sheng, J.'           14 ? 
primary 'Gan, J.H.'           15 ? 
# 
_cell.angle_alpha                  90.00 
_cell.angle_alpha_esd              ? 
_cell.angle_beta                   90.00 
_cell.angle_beta_esd               ? 
_cell.angle_gamma                  120.00 
_cell.angle_gamma_esd              ? 
_cell.entry_id                     5XK1 
_cell.details                      ? 
_cell.formula_units_Z              ? 
_cell.length_a                     44.595 
_cell.length_a_esd                 ? 
_cell.length_b                     44.595 
_cell.length_b_esd                 ? 
_cell.length_c                     41.865 
_cell.length_c_esd                 ? 
_cell.volume                       ? 
_cell.volume_esd                   ? 
_cell.Z_PDB                        12 
_cell.reciprocal_angle_alpha       ? 
_cell.reciprocal_angle_beta        ? 
_cell.reciprocal_angle_gamma       ? 
_cell.reciprocal_angle_alpha_esd   ? 
_cell.reciprocal_angle_beta_esd    ? 
_cell.reciprocal_angle_gamma_esd   ? 
_cell.reciprocal_length_a          ? 
_cell.reciprocal_length_b          ? 
_cell.reciprocal_length_c          ? 
_cell.reciprocal_length_a_esd      ? 
_cell.reciprocal_length_b_esd      ? 
_cell.reciprocal_length_c_esd      ? 
_cell.pdbx_unique_axis             ? 
# 
_symmetry.entry_id                         5XK1 
_symmetry.cell_setting                     ? 
_symmetry.Int_Tables_number                169 
_symmetry.space_group_name_Hall            ? 
_symmetry.space_group_name_H-M             'P 61' 
_symmetry.pdbx_full_space_group_name_H-M   ? 
# 
loop_
_entity.id 
_entity.type 
_entity.src_method 
_entity.pdbx_description 
_entity.formula_weight 
_entity.pdbx_number_of_molecules 
_entity.pdbx_ec 
_entity.pdbx_mutation 
_entity.pdbx_fragment 
_entity.details 
1 polymer syn 
;DNA (5'-D(*GP*GP*AP*GP*CP*CP*CP*C)-3')
;
2412.594 2  ? ? ? ? 
2 water   nat water                                    18.015   41 ? ? ? ? 
# 
_entity_poly.entity_id                      1 
_entity_poly.type                           polydeoxyribonucleotide 
_entity_poly.nstd_linkage                   no 
_entity_poly.nstd_monomer                   no 
_entity_poly.pdbx_seq_one_letter_code       '(DG)(DG)(DA)(DG)(DC)(DC)(DC)(DC)' 
_entity_poly.pdbx_seq_one_letter_code_can   GGAGCCCC 
_entity_poly.pdbx_strand_id                 A,C 
_entity_poly.pdbx_target_identifier         ? 
# 
loop_
_entity_poly_seq.entity_id 
_entity_poly_seq.num 
_entity_poly_seq.mon_id 
_entity_poly_seq.hetero 
1 1 DG n 
1 2 DG n 
1 3 DA n 
1 4 DG n 
1 5 DC n 
1 6 DC n 
1 7 DC n 
1 8 DC n 
# 
_pdbx_entity_src_syn.entity_id              1 
_pdbx_entity_src_syn.pdbx_src_id            1 
_pdbx_entity_src_syn.pdbx_alt_source_flag   sample 
_pdbx_entity_src_syn.pdbx_beg_seq_num       1 
_pdbx_entity_src_syn.pdbx_end_seq_num       8 
_pdbx_entity_src_syn.organism_scientific    'synthetic construct' 
_pdbx_entity_src_syn.organism_common_name   ? 
_pdbx_entity_src_syn.ncbi_taxonomy_id       32630 
_pdbx_entity_src_syn.details                ? 
# 
_struct_ref.id                         1 
_struct_ref.db_name                    PDB 
_struct_ref.db_code                    5XK1 
_struct_ref.pdbx_db_accession          5XK1 
_struct_ref.pdbx_db_isoform            ? 
_struct_ref.entity_id                  1 
_struct_ref.pdbx_seq_one_letter_code   ? 
_struct_ref.pdbx_align_begin           1 
# 
loop_
_struct_ref_seq.align_id 
_struct_ref_seq.ref_id 
_struct_ref_seq.pdbx_PDB_id_code 
_struct_ref_seq.pdbx_strand_id 
_struct_ref_seq.seq_align_beg 
_struct_ref_seq.pdbx_seq_align_beg_ins_code 
_struct_ref_seq.seq_align_end 
_struct_ref_seq.pdbx_seq_align_end_ins_code 
_struct_ref_seq.pdbx_db_accession 
_struct_ref_seq.db_align_beg 
_struct_ref_seq.pdbx_db_align_beg_ins_code 
_struct_ref_seq.db_align_end 
_struct_ref_seq.pdbx_db_align_end_ins_code 
_struct_ref_seq.pdbx_auth_seq_align_beg 
_struct_ref_seq.pdbx_auth_seq_align_end 
1 1 5XK1 A 1 ? 8 ? 5XK1 1 ? 8 ? 1 8 
2 1 5XK1 C 1 ? 8 ? 5XK1 1 ? 8 ? 1 8 
# 
loop_
_chem_comp.id 
_chem_comp.type 
_chem_comp.mon_nstd_flag 
_chem_comp.name 
_chem_comp.pdbx_synonyms 
_chem_comp.formula 
_chem_comp.formula_weight 
DA  'DNA linking' y "2'-DEOXYADENOSINE-5'-MONOPHOSPHATE" ? 'C10 H14 N5 O6 P' 331.222 
DC  'DNA linking' y "2'-DEOXYCYTIDINE-5'-MONOPHOSPHATE"  ? 'C9 H14 N3 O7 P'  307.197 
DG  'DNA linking' y "2'-DEOXYGUANOSINE-5'-MONOPHOSPHATE" ? 'C10 H14 N5 O7 P' 347.221 
HOH non-polymer   . WATER                                ? 'H2 O'            18.015  
# 
_exptl.absorpt_coefficient_mu     ? 
_exptl.absorpt_correction_T_max   ? 
_exptl.absorpt_correction_T_min   ? 
_exptl.absorpt_correction_type    ? 
_exptl.absorpt_process_details    ? 
_exptl.entry_id                   5XK1 
_exptl.crystals_number            1 
_exptl.details                    ? 
_exptl.method                     'X-RAY DIFFRACTION' 
_exptl.method_details             ? 
# 
_exptl_crystal.colour                      ? 
_exptl_crystal.density_diffrn              ? 
_exptl_crystal.density_Matthews            2.49 
_exptl_crystal.density_method              ? 
_exptl_crystal.density_percent_sol         50.61 
_exptl_crystal.description                 rod 
_exptl_crystal.F_000                       ? 
_exptl_crystal.id                          1 
_exptl_crystal.preparation                 ? 
_exptl_crystal.size_max                    ? 
_exptl_crystal.size_mid                    ? 
_exptl_crystal.size_min                    ? 
_exptl_crystal.size_rad                    ? 
_exptl_crystal.colour_lustre               ? 
_exptl_crystal.colour_modifier             ? 
_exptl_crystal.colour_primary              ? 
_exptl_crystal.density_meas                ? 
_exptl_crystal.density_meas_esd            ? 
_exptl_crystal.density_meas_gt             ? 
_exptl_crystal.density_meas_lt             ? 
_exptl_crystal.density_meas_temp           ? 
_exptl_crystal.density_meas_temp_esd       ? 
_exptl_crystal.density_meas_temp_gt        ? 
_exptl_crystal.density_meas_temp_lt        ? 
_exptl_crystal.pdbx_crystal_image_url      ? 
_exptl_crystal.pdbx_crystal_image_format   ? 
_exptl_crystal.pdbx_mosaicity              ? 
_exptl_crystal.pdbx_mosaicity_esd          ? 
# 
_exptl_crystal_grow.apparatus       ? 
_exptl_crystal_grow.atmosphere      ? 
_exptl_crystal_grow.crystal_id      1 
_exptl_crystal_grow.details         ? 
_exptl_crystal_grow.method          'VAPOR DIFFUSION, HANGING DROP' 
_exptl_crystal_grow.method_ref      ? 
_exptl_crystal_grow.pH              7.0 
_exptl_crystal_grow.pressure        ? 
_exptl_crystal_grow.pressure_esd    ? 
_exptl_crystal_grow.seeding         ? 
_exptl_crystal_grow.seeding_ref     ? 
_exptl_crystal_grow.temp            291 
_exptl_crystal_grow.temp_details    ? 
_exptl_crystal_grow.temp_esd        ? 
_exptl_crystal_grow.time            ? 
_exptl_crystal_grow.pdbx_details    '10% v/v MPD, 40mM Sodium cacodylate pH 7.0, 12mM Spermine tetra-HCl, 80mM NaCl' 
_exptl_crystal_grow.pdbx_pH_range   ? 
# 
_diffrn.ambient_environment    ? 
_diffrn.ambient_temp           100 
_diffrn.ambient_temp_details   ? 
_diffrn.ambient_temp_esd       ? 
_diffrn.crystal_id             1 
_diffrn.crystal_support        ? 
_diffrn.crystal_treatment      ? 
_diffrn.details                ? 
_diffrn.id                     1 
_diffrn.ambient_pressure       ? 
_diffrn.ambient_pressure_esd   ? 
_diffrn.ambient_pressure_gt    ? 
_diffrn.ambient_pressure_lt    ? 
_diffrn.ambient_temp_gt        ? 
_diffrn.ambient_temp_lt        ? 
# 
_diffrn_detector.details                      ? 
_diffrn_detector.detector                     PIXEL 
_diffrn_detector.diffrn_id                    1 
_diffrn_detector.type                         'DECTRIS PILATUS3 S 6M' 
_diffrn_detector.area_resol_mean              ? 
_diffrn_detector.dtime                        ? 
_diffrn_detector.pdbx_frames_total            ? 
_diffrn_detector.pdbx_collection_time_total   ? 
_diffrn_detector.pdbx_collection_date         2016-11-10 
# 
_diffrn_radiation.collimation                      ? 
_diffrn_radiation.diffrn_id                        1 
_diffrn_radiation.filter_edge                      ? 
_diffrn_radiation.inhomogeneity                    ? 
_diffrn_radiation.monochromator                    ? 
_diffrn_radiation.polarisn_norm                    ? 
_diffrn_radiation.polarisn_ratio                   ? 
_diffrn_radiation.probe                            ? 
_diffrn_radiation.type                             ? 
_diffrn_radiation.xray_symbol                      ? 
_diffrn_radiation.wavelength_id                    1 
_diffrn_radiation.pdbx_monochromatic_or_laue_m_l   M 
_diffrn_radiation.pdbx_wavelength_list             ? 
_diffrn_radiation.pdbx_wavelength                  ? 
_diffrn_radiation.pdbx_diffrn_protocol             'SINGLE WAVELENGTH' 
_diffrn_radiation.pdbx_analyzer                    ? 
_diffrn_radiation.pdbx_scattering_type             x-ray 
# 
_diffrn_radiation_wavelength.id           1 
_diffrn_radiation_wavelength.wavelength   0.979 
_diffrn_radiation_wavelength.wt           1.0 
# 
_diffrn_source.current                     ? 
_diffrn_source.details                     ? 
_diffrn_source.diffrn_id                   1 
_diffrn_source.power                       ? 
_diffrn_source.size                        ? 
_diffrn_source.source                      SYNCHROTRON 
_diffrn_source.target                      ? 
_diffrn_source.type                        'SSRF BEAMLINE BL19U1' 
_diffrn_source.voltage                     ? 
_diffrn_source.take-off_angle              ? 
_diffrn_source.pdbx_wavelength_list        0.979 
_diffrn_source.pdbx_wavelength             ? 
_diffrn_source.pdbx_synchrotron_beamline   BL19U1 
_diffrn_source.pdbx_synchrotron_site       SSRF 
# 
_reflns.B_iso_Wilson_estimate            ? 
_reflns.entry_id                         5XK1 
_reflns.data_reduction_details           ? 
_reflns.data_reduction_method            ? 
_reflns.d_resolution_high                1.5 
_reflns.d_resolution_low                 30 
_reflns.details                          ? 
_reflns.limit_h_max                      ? 
_reflns.limit_h_min                      ? 
_reflns.limit_k_max                      ? 
_reflns.limit_k_min                      ? 
_reflns.limit_l_max                      ? 
_reflns.limit_l_min                      ? 
_reflns.number_all                       ? 
_reflns.number_obs                       7613 
_reflns.observed_criterion               ? 
_reflns.observed_criterion_F_max         ? 
_reflns.observed_criterion_F_min         ? 
_reflns.observed_criterion_I_max         ? 
_reflns.observed_criterion_I_min         ? 
_reflns.observed_criterion_sigma_F       ? 
_reflns.observed_criterion_sigma_I       ? 
_reflns.percent_possible_obs             100 
_reflns.R_free_details                   ? 
_reflns.Rmerge_F_all                     ? 
_reflns.Rmerge_F_obs                     ? 
_reflns.Friedel_coverage                 ? 
_reflns.number_gt                        ? 
_reflns.threshold_expression             ? 
_reflns.pdbx_redundancy                  18.2 
_reflns.pdbx_Rmerge_I_obs                0.12 
_reflns.pdbx_Rmerge_I_all                ? 
_reflns.pdbx_Rsym_value                  ? 
_reflns.pdbx_netI_over_av_sigmaI         ? 
_reflns.pdbx_netI_over_sigmaI            18.0 
_reflns.pdbx_res_netI_over_av_sigmaI_2   ? 
_reflns.pdbx_res_netI_over_sigmaI_2      ? 
_reflns.pdbx_chi_squared                 ? 
_reflns.pdbx_scaling_rejects             ? 
_reflns.pdbx_d_res_high_opt              ? 
_reflns.pdbx_d_res_low_opt               ? 
_reflns.pdbx_d_res_opt_method            ? 
_reflns.phase_calculation_details        ? 
_reflns.pdbx_Rrim_I_all                  ? 
_reflns.pdbx_Rpim_I_all                  ? 
_reflns.pdbx_d_opt                       ? 
_reflns.pdbx_number_measured_all         ? 
_reflns.pdbx_diffrn_id                   1 
_reflns.pdbx_ordinal                     1 
_reflns.pdbx_CC_half                     ? 
_reflns.pdbx_R_split                     ? 
# 
_reflns_shell.d_res_high                  1.50 
_reflns_shell.d_res_low                   1.55 
_reflns_shell.meanI_over_sigI_all         ? 
_reflns_shell.meanI_over_sigI_obs         4.0 
_reflns_shell.number_measured_all         ? 
_reflns_shell.number_measured_obs         ? 
_reflns_shell.number_possible             ? 
_reflns_shell.number_unique_all           ? 
_reflns_shell.number_unique_obs           770 
_reflns_shell.percent_possible_all        100 
_reflns_shell.percent_possible_obs        ? 
_reflns_shell.Rmerge_F_all                ? 
_reflns_shell.Rmerge_F_obs                ? 
_reflns_shell.Rmerge_I_all                ? 
_reflns_shell.Rmerge_I_obs                0.435 
_reflns_shell.meanI_over_sigI_gt          ? 
_reflns_shell.meanI_over_uI_all           ? 
_reflns_shell.meanI_over_uI_gt            ? 
_reflns_shell.number_measured_gt          ? 
_reflns_shell.number_unique_gt            ? 
_reflns_shell.percent_possible_gt         ? 
_reflns_shell.Rmerge_F_gt                 ? 
_reflns_shell.Rmerge_I_gt                 ? 
_reflns_shell.pdbx_redundancy             10.7 
_reflns_shell.pdbx_Rsym_value             ? 
_reflns_shell.pdbx_chi_squared            ? 
_reflns_shell.pdbx_netI_over_sigmaI_all   ? 
_reflns_shell.pdbx_netI_over_sigmaI_obs   ? 
_reflns_shell.pdbx_Rrim_I_all             ? 
_reflns_shell.pdbx_Rpim_I_all             ? 
_reflns_shell.pdbx_rejects                ? 
_reflns_shell.pdbx_ordinal                1 
_reflns_shell.pdbx_diffrn_id              1 
_reflns_shell.pdbx_CC_half                ? 
_reflns_shell.pdbx_R_split                ? 
# 
_refine.aniso_B[1][1]                            ? 
_refine.aniso_B[1][2]                            ? 
_refine.aniso_B[1][3]                            ? 
_refine.aniso_B[2][2]                            ? 
_refine.aniso_B[2][3]                            ? 
_refine.aniso_B[3][3]                            ? 
_refine.B_iso_max                                ? 
_refine.B_iso_mean                               ? 
_refine.B_iso_min                                ? 
_refine.correlation_coeff_Fo_to_Fc               ? 
_refine.correlation_coeff_Fo_to_Fc_free          ? 
_refine.details                                  ? 
_refine.diff_density_max                         ? 
_refine.diff_density_max_esd                     ? 
_refine.diff_density_min                         ? 
_refine.diff_density_min_esd                     ? 
_refine.diff_density_rms                         ? 
_refine.diff_density_rms_esd                     ? 
_refine.entry_id                                 5XK1 
_refine.pdbx_refine_id                           'X-RAY DIFFRACTION' 
_refine.ls_abs_structure_details                 ? 
_refine.ls_abs_structure_Flack                   ? 
_refine.ls_abs_structure_Flack_esd               ? 
_refine.ls_abs_structure_Rogers                  ? 
_refine.ls_abs_structure_Rogers_esd              ? 
_refine.ls_d_res_high                            1.501 
_refine.ls_d_res_low                             28.387 
_refine.ls_extinction_coef                       ? 
_refine.ls_extinction_coef_esd                   ? 
_refine.ls_extinction_expression                 ? 
_refine.ls_extinction_method                     ? 
_refine.ls_goodness_of_fit_all                   ? 
_refine.ls_goodness_of_fit_all_esd               ? 
_refine.ls_goodness_of_fit_obs                   ? 
_refine.ls_goodness_of_fit_obs_esd               ? 
_refine.ls_hydrogen_treatment                    ? 
_refine.ls_matrix_type                           ? 
_refine.ls_number_constraints                    ? 
_refine.ls_number_parameters                     ? 
_refine.ls_number_reflns_all                     ? 
_refine.ls_number_reflns_obs                     7613 
_refine.ls_number_reflns_R_free                  406 
_refine.ls_number_reflns_R_work                  ? 
_refine.ls_number_restraints                     ? 
_refine.ls_percent_reflns_obs                    99.45 
_refine.ls_percent_reflns_R_free                 5.33 
_refine.ls_R_factor_all                          ? 
_refine.ls_R_factor_obs                          0.1638 
_refine.ls_R_factor_R_free                       0.1960 
_refine.ls_R_factor_R_free_error                 ? 
_refine.ls_R_factor_R_free_error_details         ? 
_refine.ls_R_factor_R_work                       0.1620 
_refine.ls_R_Fsqd_factor_obs                     ? 
_refine.ls_R_I_factor_obs                        ? 
_refine.ls_redundancy_reflns_all                 ? 
_refine.ls_redundancy_reflns_obs                 ? 
_refine.ls_restrained_S_all                      ? 
_refine.ls_restrained_S_obs                      ? 
_refine.ls_shift_over_esd_max                    ? 
_refine.ls_shift_over_esd_mean                   ? 
_refine.ls_structure_factor_coef                 ? 
_refine.ls_weighting_details                     ? 
_refine.ls_weighting_scheme                      ? 
_refine.ls_wR_factor_all                         ? 
_refine.ls_wR_factor_obs                         ? 
_refine.ls_wR_factor_R_free                      ? 
_refine.ls_wR_factor_R_work                      ? 
_refine.occupancy_max                            ? 
_refine.occupancy_min                            ? 
_refine.solvent_model_details                    ? 
_refine.solvent_model_param_bsol                 ? 
_refine.solvent_model_param_ksol                 ? 
_refine.ls_R_factor_gt                           ? 
_refine.ls_goodness_of_fit_gt                    ? 
_refine.ls_goodness_of_fit_ref                   ? 
_refine.ls_shift_over_su_max                     ? 
_refine.ls_shift_over_su_max_lt                  ? 
_refine.ls_shift_over_su_mean                    ? 
_refine.ls_shift_over_su_mean_lt                 ? 
_refine.pdbx_ls_sigma_I                          ? 
_refine.pdbx_ls_sigma_F                          1.36 
_refine.pdbx_ls_sigma_Fsqd                       ? 
_refine.pdbx_data_cutoff_high_absF               ? 
_refine.pdbx_data_cutoff_high_rms_absF           ? 
_refine.pdbx_data_cutoff_low_absF                ? 
_refine.pdbx_isotropic_thermal_model             ? 
_refine.pdbx_ls_cross_valid_method               'FREE R-VALUE' 
_refine.pdbx_method_to_determine_struct          'MOLECULAR REPLACEMENT' 
_refine.pdbx_starting_model                      4F4N 
_refine.pdbx_stereochemistry_target_values       ? 
_refine.pdbx_R_Free_selection_details            ? 
_refine.pdbx_stereochem_target_val_spec_case     ? 
_refine.pdbx_overall_ESU_R                       ? 
_refine.pdbx_overall_ESU_R_Free                  ? 
_refine.pdbx_solvent_vdw_probe_radii             1.11 
_refine.pdbx_solvent_ion_probe_radii             ? 
_refine.pdbx_solvent_shrinkage_radii             0.90 
_refine.pdbx_real_space_R                        ? 
_refine.pdbx_density_correlation                 ? 
_refine.pdbx_pd_number_of_powder_patterns        ? 
_refine.pdbx_pd_number_of_points                 ? 
_refine.pdbx_pd_meas_number_of_points            ? 
_refine.pdbx_pd_proc_ls_prof_R_factor            ? 
_refine.pdbx_pd_proc_ls_prof_wR_factor           ? 
_refine.pdbx_pd_Marquardt_correlation_coeff      ? 
_refine.pdbx_pd_Fsqrd_R_factor                   ? 
_refine.pdbx_pd_ls_matrix_band_width             ? 
_refine.pdbx_overall_phase_error                 20.46 
_refine.pdbx_overall_SU_R_free_Cruickshank_DPI   ? 
_refine.pdbx_overall_SU_R_free_Blow_DPI          ? 
_refine.pdbx_overall_SU_R_Blow_DPI               ? 
_refine.pdbx_TLS_residual_ADP_flag               ? 
_refine.pdbx_diffrn_id                           1 
_refine.overall_SU_B                             ? 
_refine.overall_SU_ML                            0.11 
_refine.overall_SU_R_Cruickshank_DPI             ? 
_refine.overall_SU_R_free                        ? 
_refine.overall_FOM_free_R_set                   ? 
_refine.overall_FOM_work_R_set                   ? 
_refine.pdbx_average_fsc_overall                 ? 
_refine.pdbx_average_fsc_work                    ? 
_refine.pdbx_average_fsc_free                    ? 
# 
_refine_hist.pdbx_refine_id                   'X-RAY DIFFRACTION' 
_refine_hist.cycle_id                         LAST 
_refine_hist.pdbx_number_atoms_protein        0 
_refine_hist.pdbx_number_atoms_nucleic_acid   320 
_refine_hist.pdbx_number_atoms_ligand         0 
_refine_hist.number_atoms_solvent             41 
_refine_hist.number_atoms_total               361 
_refine_hist.d_res_high                       1.501 
_refine_hist.d_res_low                        28.387 
# 
loop_
_refine_ls_restr.pdbx_refine_id 
_refine_ls_restr.criterion 
_refine_ls_restr.dev_ideal 
_refine_ls_restr.dev_ideal_target 
_refine_ls_restr.number 
_refine_ls_restr.rejects 
_refine_ls_restr.type 
_refine_ls_restr.weight 
_refine_ls_restr.pdbx_restraint_function 
'X-RAY DIFFRACTION' ? 0.007  ? 358 ? f_bond_d           ? ? 
'X-RAY DIFFRACTION' ? 0.838  ? 548 ? f_angle_d          ? ? 
'X-RAY DIFFRACTION' ? 12.244 ? 152 ? f_dihedral_angle_d ? ? 
'X-RAY DIFFRACTION' ? 0.035  ? 62  ? f_chiral_restr     ? ? 
'X-RAY DIFFRACTION' ? 0.008  ? 16  ? f_plane_restr      ? ? 
# 
loop_
_refine_ls_shell.pdbx_refine_id 
_refine_ls_shell.d_res_high 
_refine_ls_shell.d_res_low 
_refine_ls_shell.number_reflns_all 
_refine_ls_shell.number_reflns_obs 
_refine_ls_shell.number_reflns_R_free 
_refine_ls_shell.number_reflns_R_work 
_refine_ls_shell.percent_reflns_obs 
_refine_ls_shell.percent_reflns_R_free 
_refine_ls_shell.R_factor_all 
_refine_ls_shell.R_factor_obs 
_refine_ls_shell.R_factor_R_free 
_refine_ls_shell.R_factor_R_free_error 
_refine_ls_shell.R_factor_R_work 
_refine_ls_shell.redundancy_reflns_all 
_refine_ls_shell.redundancy_reflns_obs 
_refine_ls_shell.wR_factor_all 
_refine_ls_shell.wR_factor_obs 
_refine_ls_shell.wR_factor_R_free 
_refine_ls_shell.wR_factor_R_work 
_refine_ls_shell.pdbx_total_number_of_bins_used 
_refine_ls_shell.pdbx_phase_error 
_refine_ls_shell.pdbx_fsc_work 
_refine_ls_shell.pdbx_fsc_free 
'X-RAY DIFFRACTION' 1.5008 1.7180  . . 109 2389 98.00  . . . 0.2190 . 0.1635 . . . . . . . . . . 
'X-RAY DIFFRACTION' 1.7180 2.1643  . . 155 2386 100.00 . . . 0.1751 . 0.1750 . . . . . . . . . . 
'X-RAY DIFFRACTION' 2.1643 28.3917 . . 142 2432 100.00 . . . 0.2036 . 0.1559 . . . . . . . . . . 
# 
_struct.entry_id                     5XK1 
_struct.title                        'Structure of 8-mer DNA3' 
_struct.pdbx_model_details           ? 
_struct.pdbx_formula_weight          ? 
_struct.pdbx_formula_weight_method   ? 
_struct.pdbx_model_type_details      ? 
_struct.pdbx_CASP_flag               N 
# 
_struct_keywords.entry_id        5XK1 
_struct_keywords.text            'DNA, duplex' 
_struct_keywords.pdbx_keywords   DNA 
# 
loop_
_struct_asym.id 
_struct_asym.pdbx_blank_PDB_chainid_flag 
_struct_asym.pdbx_modified 
_struct_asym.entity_id 
_struct_asym.details 
A N N 1 ? 
B N N 1 ? 
C N N 2 ? 
D N N 2 ? 
# 
loop_
_struct_conn.id 
_struct_conn.conn_type_id 
_struct_conn.pdbx_leaving_atom_flag 
_struct_conn.pdbx_PDB_id 
_struct_conn.ptnr1_label_asym_id 
_struct_conn.ptnr1_label_comp_id 
_struct_conn.ptnr1_label_seq_id 
_struct_conn.ptnr1_label_atom_id 
_struct_conn.pdbx_ptnr1_label_alt_id 
_struct_conn.pdbx_ptnr1_PDB_ins_code 
_struct_conn.pdbx_ptnr1_standard_comp_id 
_struct_conn.ptnr1_symmetry 
_struct_conn.ptnr2_label_asym_id 
_struct_conn.ptnr2_label_comp_id 
_struct_conn.ptnr2_label_seq_id 
_struct_conn.ptnr2_label_atom_id 
_struct_conn.pdbx_ptnr2_label_alt_id 
_struct_conn.pdbx_ptnr2_PDB_ins_code 
_struct_conn.ptnr1_auth_asym_id 
_struct_conn.ptnr1_auth_comp_id 
_struct_conn.ptnr1_auth_seq_id 
_struct_conn.ptnr2_auth_asym_id 
_struct_conn.ptnr2_auth_comp_id 
_struct_conn.ptnr2_auth_seq_id 
_struct_conn.ptnr2_symmetry 
_struct_conn.pdbx_ptnr3_label_atom_id 
_struct_conn.pdbx_ptnr3_label_seq_id 
_struct_conn.pdbx_ptnr3_label_comp_id 
_struct_conn.pdbx_ptnr3_label_asym_id 
_struct_conn.pdbx_ptnr3_label_alt_id 
_struct_conn.pdbx_ptnr3_PDB_ins_code 
_struct_conn.details 
_struct_conn.pdbx_dist_value 
_struct_conn.pdbx_value_order 
_struct_conn.pdbx_role 
hydrog1  hydrog ? ? A DG 1 N1 ? ? ? 1_555 B DC 8 N3 ? ? A DG 1 C DC 8 1_555 ? ? ? ? ? ? WATSON-CRICK    ? ? ? 
hydrog2  hydrog ? ? A DG 1 N2 ? ? ? 1_555 B DC 8 O2 ? ? A DG 1 C DC 8 1_555 ? ? ? ? ? ? WATSON-CRICK    ? ? ? 
hydrog3  hydrog ? ? A DG 1 O6 ? ? ? 1_555 B DC 8 N4 ? ? A DG 1 C DC 8 1_555 ? ? ? ? ? ? WATSON-CRICK    ? ? ? 
hydrog4  hydrog ? ? A DG 2 N1 ? ? ? 1_555 B DC 7 N3 ? ? A DG 2 C DC 7 1_555 ? ? ? ? ? ? WATSON-CRICK    ? ? ? 
hydrog5  hydrog ? ? A DG 2 N2 ? ? ? 1_555 B DC 7 O2 ? ? A DG 2 C DC 7 1_555 ? ? ? ? ? ? WATSON-CRICK    ? ? ? 
hydrog6  hydrog ? ? A DG 2 O6 ? ? ? 1_555 B DC 7 N4 ? ? A DG 2 C DC 7 1_555 ? ? ? ? ? ? WATSON-CRICK    ? ? ? 
hydrog7  hydrog ? ? A DA 3 N6 ? ? ? 1_555 B DC 6 N3 ? ? A DA 3 C DC 6 1_555 ? ? ? ? ? ? 'DA-DC MISPAIR' ? ? ? 
hydrog8  hydrog ? ? A DG 4 N1 ? ? ? 1_555 B DC 5 N3 ? ? A DG 4 C DC 5 1_555 ? ? ? ? ? ? WATSON-CRICK    ? ? ? 
hydrog9  hydrog ? ? A DG 4 N2 ? ? ? 1_555 B DC 5 O2 ? ? A DG 4 C DC 5 1_555 ? ? ? ? ? ? WATSON-CRICK    ? ? ? 
hydrog10 hydrog ? ? A DG 4 O6 ? ? ? 1_555 B DC 5 N4 ? ? A DG 4 C DC 5 1_555 ? ? ? ? ? ? WATSON-CRICK    ? ? ? 
hydrog11 hydrog ? ? A DC 5 N3 ? ? ? 1_555 B DG 4 N1 ? ? A DC 5 C DG 4 1_555 ? ? ? ? ? ? WATSON-CRICK    ? ? ? 
hydrog12 hydrog ? ? A DC 5 N4 ? ? ? 1_555 B DG 4 O6 ? ? A DC 5 C DG 4 1_555 ? ? ? ? ? ? WATSON-CRICK    ? ? ? 
hydrog13 hydrog ? ? A DC 5 O2 ? ? ? 1_555 B DG 4 N2 ? ? A DC 5 C DG 4 1_555 ? ? ? ? ? ? WATSON-CRICK    ? ? ? 
hydrog14 hydrog ? ? A DC 6 N3 ? ? ? 1_555 B DA 3 N6 ? ? A DC 6 C DA 3 1_555 ? ? ? ? ? ? 'DC-DA MISPAIR' ? ? ? 
hydrog15 hydrog ? ? A DC 7 N3 ? ? ? 1_555 B DG 2 N1 ? ? A DC 7 C DG 2 1_555 ? ? ? ? ? ? WATSON-CRICK    ? ? ? 
hydrog16 hydrog ? ? A DC 7 N4 ? ? ? 1_555 B DG 2 O6 ? ? A DC 7 C DG 2 1_555 ? ? ? ? ? ? WATSON-CRICK    ? ? ? 
hydrog17 hydrog ? ? A DC 7 O2 ? ? ? 1_555 B DG 2 N2 ? ? A DC 7 C DG 2 1_555 ? ? ? ? ? ? WATSON-CRICK    ? ? ? 
hydrog18 hydrog ? ? A DC 8 N3 ? ? ? 1_555 B DG 1 N1 ? ? A DC 8 C DG 1 1_555 ? ? ? ? ? ? WATSON-CRICK    ? ? ? 
hydrog19 hydrog ? ? A DC 8 N4 ? ? ? 1_555 B DG 1 O6 ? ? A DC 8 C DG 1 1_555 ? ? ? ? ? ? WATSON-CRICK    ? ? ? 
hydrog20 hydrog ? ? A DC 8 O2 ? ? ? 1_555 B DG 1 N2 ? ? A DC 8 C DG 1 1_555 ? ? ? ? ? ? WATSON-CRICK    ? ? ? 
# 
_struct_conn_type.id          hydrog 
_struct_conn_type.criteria    ? 
_struct_conn_type.reference   ? 
# 
_atom_sites.entry_id                    5XK1 
_atom_sites.fract_transf_matrix[1][1]   -0.02173441 
_atom_sites.fract_transf_matrix[1][2]   -0.00413264 
_atom_sites.fract_transf_matrix[1][3]   -0.01345352 
_atom_sites.fract_transf_matrix[2][1]   -0.02266982 
_atom_sites.fract_transf_matrix[2][2]   -0.00206451 
_atom_sites.fract_transf_matrix[2][3]   0.01233955 
_atom_sites.fract_transf_matrix[3][1]   -0.00324047 
_atom_sites.fract_transf_matrix[3][2]   0.02357981 
_atom_sites.fract_transf_matrix[3][3]   -0.00200818 
_atom_sites.fract_transf_vector[1]      0.476639 
_atom_sites.fract_transf_vector[2]      0.433680 
_atom_sites.fract_transf_vector[3]      0.021445 
# 
loop_
_atom_type.symbol 
C 
N 
O 
P 
# 
loop_
_atom_site.group_PDB 
_atom_site.id 
_atom_site.type_symbol 
_atom_site.label_atom_id 
_atom_site.label_alt_id 
_atom_site.label_comp_id 
_atom_site.label_asym_id 
_atom_site.label_entity_id 
_atom_site.label_seq_id 
_atom_site.pdbx_PDB_ins_code 
_atom_site.Cartn_x 
_atom_site.Cartn_y 
_atom_site.Cartn_z 
_atom_site.occupancy 
_atom_site.B_iso_or_equiv 
_atom_site.pdbx_formal_charge 
_atom_site.auth_seq_id 
_atom_site.auth_comp_id 
_atom_site.auth_asym_id 
_atom_site.auth_atom_id 
_atom_site.pdbx_PDB_model_num 
ATOM   1   O "O5'" . DG  A 1 1 ? 5.038  3.608   -10.997 1.00 16.74 ? 1   DG  A "O5'" 1 
ATOM   2   C "C5'" . DG  A 1 1 ? 4.356  3.584   -12.250 1.00 16.19 ? 1   DG  A "C5'" 1 
ATOM   3   C "C4'" . DG  A 1 1 ? 4.035  2.154   -12.681 1.00 13.47 ? 1   DG  A "C4'" 1 
ATOM   4   O "O4'" . DG  A 1 1 ? 5.266  1.364   -12.797 1.00 13.06 ? 1   DG  A "O4'" 1 
ATOM   5   C "C3'" . DG  A 1 1 ? 3.173  1.332   -11.737 1.00 12.57 ? 1   DG  A "C3'" 1 
ATOM   6   O "O3'" . DG  A 1 1 ? 1.788  1.674   -11.885 1.00 14.80 ? 1   DG  A "O3'" 1 
ATOM   7   C "C2'" . DG  A 1 1 ? 3.478  -0.065  -12.264 1.00 12.48 ? 1   DG  A "C2'" 1 
ATOM   8   C "C1'" . DG  A 1 1 ? 5.000  0.025   -12.406 1.00 13.23 ? 1   DG  A "C1'" 1 
ATOM   9   N N9    . DG  A 1 1 ? 5.647  -0.233  -11.133 1.00 12.45 ? 1   DG  A N9    1 
ATOM   10  C C8    . DG  A 1 1 ? 6.276  0.671   -10.309 1.00 14.99 ? 1   DG  A C8    1 
ATOM   11  N N7    . DG  A 1 1 ? 6.704  0.140   -9.193  1.00 13.88 ? 1   DG  A N7    1 
ATOM   12  C C5    . DG  A 1 1 ? 6.304  -1.197  -9.279  1.00 13.91 ? 1   DG  A C5    1 
ATOM   13  C C6    . DG  A 1 1 ? 6.475  -2.267  -8.365  1.00 12.81 ? 1   DG  A C6    1 
ATOM   14  O O6    . DG  A 1 1 ? 7.032  -2.244  -7.258  1.00 14.00 ? 1   DG  A O6    1 
ATOM   15  N N1    . DG  A 1 1 ? 5.930  -3.459  -8.843  1.00 12.26 ? 1   DG  A N1    1 
ATOM   16  C C2    . DG  A 1 1 ? 5.278  -3.597  -10.051 1.00 10.85 ? 1   DG  A C2    1 
ATOM   17  N N2    . DG  A 1 1 ? 4.809  -4.822  -10.339 1.00 13.22 ? 1   DG  A N2    1 
ATOM   18  N N3    . DG  A 1 1 ? 5.108  -2.596  -10.924 1.00 12.03 ? 1   DG  A N3    1 
ATOM   19  C C4    . DG  A 1 1 ? 5.644  -1.431  -10.464 1.00 12.17 ? 1   DG  A C4    1 
ATOM   20  P P     . DG  A 1 2 ? 0.774  1.584   -10.636 1.00 16.85 ? 2   DG  A P     1 
ATOM   21  O OP1   . DG  A 1 2 ? -0.478 2.251   -11.062 1.00 21.02 ? 2   DG  A OP1   1 
ATOM   22  O OP2   . DG  A 1 2 ? 1.463  2.000   -9.405  1.00 16.54 ? 2   DG  A OP2   1 
ATOM   23  O "O5'" . DG  A 1 2 ? 0.510  0.021   -10.430 1.00 15.42 ? 2   DG  A "O5'" 1 
ATOM   24  C "C5'" . DG  A 1 2 ? -0.085 -0.743  -11.469 1.00 15.76 ? 2   DG  A "C5'" 1 
ATOM   25  C "C4'" . DG  A 1 2 ? -0.001 -2.220  -11.148 1.00 14.24 ? 2   DG  A "C4'" 1 
ATOM   26  O "O4'" . DG  A 1 2 ? 1.393  -2.603  -11.002 1.00 14.18 ? 2   DG  A "O4'" 1 
ATOM   27  C "C3'" . DG  A 1 2 ? -0.644 -2.632  -9.841  1.00 16.61 ? 2   DG  A "C3'" 1 
ATOM   28  O "O3'" . DG  A 1 2 ? -2.028 -2.836  -10.038 1.00 15.81 ? 2   DG  A "O3'" 1 
ATOM   29  C "C2'" . DG  A 1 2 ? 0.085  -3.935  -9.556  1.00 15.03 ? 2   DG  A "C2'" 1 
ATOM   30  C "C1'" . DG  A 1 2 ? 1.511  -3.567  -9.964  1.00 15.04 ? 2   DG  A "C1'" 1 
ATOM   31  N N9    . DG  A 1 2 ? 2.265  -2.992  -8.853  1.00 12.58 ? 2   DG  A N9    1 
ATOM   32  C C8    . DG  A 1 2 ? 2.626  -1.670  -8.669  1.00 13.85 ? 2   DG  A C8    1 
ATOM   33  N N7    . DG  A 1 2 ? 3.269  -1.464  -7.548  1.00 12.00 ? 2   DG  A N7    1 
ATOM   34  C C5    . DG  A 1 2 ? 3.324  -2.721  -6.953  1.00 9.91  ? 2   DG  A C5    1 
ATOM   35  C C6    . DG  A 1 2 ? 3.904  -3.129  -5.727  1.00 8.60  ? 2   DG  A C6    1 
ATOM   36  O O6    . DG  A 1 2 ? 4.499  -2.436  -4.891  1.00 12.12 ? 2   DG  A O6    1 
ATOM   37  N N1    . DG  A 1 2 ? 3.731  -4.490  -5.497  1.00 10.27 ? 2   DG  A N1    1 
ATOM   38  C C2    . DG  A 1 2 ? 3.095  -5.355  -6.355  1.00 10.40 ? 2   DG  A C2    1 
ATOM   39  N N2    . DG  A 1 2 ? 3.031  -6.633  -5.970  1.00 13.17 ? 2   DG  A N2    1 
ATOM   40  N N3    . DG  A 1 2 ? 2.548  -4.982  -7.507  1.00 12.21 ? 2   DG  A N3    1 
ATOM   41  C C4    . DG  A 1 2 ? 2.707  -3.664  -7.743  1.00 10.65 ? 2   DG  A C4    1 
ATOM   42  P P     . DA  A 1 3 ? -3.061 -2.641  -8.822  1.00 19.89 ? 3   DA  A P     1 
ATOM   43  O OP1   . DA  A 1 3 ? -4.436 -2.729  -9.364  1.00 24.80 ? 3   DA  A OP1   1 
ATOM   44  O OP2   . DA  A 1 3 ? -2.637 -1.468  -8.048  1.00 19.35 ? 3   DA  A OP2   1 
ATOM   45  O "O5'" . DA  A 1 3 ? -2.776 -3.898  -7.870  1.00 17.41 ? 3   DA  A "O5'" 1 
ATOM   46  C "C5'" . DA  A 1 3 ? -3.124 -5.199  -8.309  1.00 15.62 ? 3   DA  A "C5'" 1 
ATOM   47  C "C4'" . DA  A 1 3 ? -2.760 -6.236  -7.261  1.00 16.02 ? 3   DA  A "C4'" 1 
ATOM   48  O "O4'" . DA  A 1 3 ? -1.327 -6.250  -7.053  1.00 16.28 ? 3   DA  A "O4'" 1 
ATOM   49  C "C3'" . DA  A 1 3 ? -3.318 -5.983  -5.877  1.00 15.24 ? 3   DA  A "C3'" 1 
ATOM   50  O "O3'" . DA  A 1 3 ? -4.673 -6.375  -5.810  1.00 18.00 ? 3   DA  A "O3'" 1 
ATOM   51  C "C2'" . DA  A 1 3 ? -2.422 -6.890  -5.047  1.00 14.73 ? 3   DA  A "C2'" 1 
ATOM   52  C "C1'" . DA  A 1 3 ? -1.069 -6.636  -5.707  1.00 13.17 ? 3   DA  A "C1'" 1 
ATOM   53  N N9    . DA  A 1 3 ? -0.301 -5.588  -5.064  1.00 11.15 ? 3   DA  A N9    1 
ATOM   54  C C8    . DA  A 1 3 ? -0.156 -4.285  -5.466  1.00 11.69 ? 3   DA  A C8    1 
ATOM   55  N N7    . DA  A 1 3 ? 0.608  -3.572  -4.666  1.00 12.09 ? 3   DA  A N7    1 
ATOM   56  C C5    . DA  A 1 3 ? 0.984  -4.469  -3.683  1.00 11.26 ? 3   DA  A C5    1 
ATOM   57  C C6    . DA  A 1 3 ? 1.796  -4.346  -2.540  1.00 8.67  ? 3   DA  A C6    1 
ATOM   58  N N6    . DA  A 1 3 ? 2.416  -3.220  -2.183  1.00 11.89 ? 3   DA  A N6    1 
ATOM   59  N N1    . DA  A 1 3 ? 1.962  -5.446  -1.779  1.00 10.72 ? 3   DA  A N1    1 
ATOM   60  C C2    . DA  A 1 3 ? 1.341  -6.575  -2.115  1.00 10.08 ? 3   DA  A C2    1 
ATOM   61  N N3    . DA  A 1 3 ? 0.562  -6.815  -3.161  1.00 10.87 ? 3   DA  A N3    1 
ATOM   62  C C4    . DA  A 1 3 ? 0.421  -5.709  -3.910  1.00 10.54 ? 3   DA  A C4    1 
ATOM   63  P P     . DG  A 1 4 ? -5.638 -5.710  -4.719  1.00 19.13 ? 4   DG  A P     1 
ATOM   64  O OP1   . DG  A 1 4 ? -7.024 -6.168  -4.976  1.00 22.15 ? 4   DG  A OP1   1 
ATOM   65  O OP2   . DG  A 1 4 ? -5.315 -4.264  -4.660  1.00 21.17 ? 4   DG  A OP2   1 
ATOM   66  O "O5'" . DG  A 1 4 ? -5.113 -6.294  -3.328  1.00 14.91 ? 4   DG  A "O5'" 1 
ATOM   67  C "C5'" . DG  A 1 4 ? -5.343 -7.644  -2.987  1.00 15.22 ? 4   DG  A "C5'" 1 
ATOM   68  C "C4'" . DG  A 1 4 ? -4.627 -7.981  -1.693  1.00 14.26 ? 4   DG  A "C4'" 1 
ATOM   69  O "O4'" . DG  A 1 4 ? -3.199 -7.776  -1.854  1.00 13.13 ? 4   DG  A "O4'" 1 
ATOM   70  C "C3'" . DG  A 1 4 ? -4.995 -7.122  -0.494  1.00 13.53 ? 4   DG  A "C3'" 1 
ATOM   71  O "O3'" . DG  A 1 4 ? -6.209 -7.592  0.102   1.00 15.96 ? 4   DG  A "O3'" 1 
ATOM   72  C "C2'" . DG  A 1 4 ? -3.788 -7.380  0.401   1.00 12.47 ? 4   DG  A "C2'" 1 
ATOM   73  C "C1'" . DG  A 1 4 ? -2.642 -7.336  -0.624  1.00 12.44 ? 4   DG  A "C1'" 1 
ATOM   74  N N9    . DG  A 1 4 ? -2.120 -5.988  -0.803  1.00 12.92 ? 4   DG  A N9    1 
ATOM   75  C C8    . DG  A 1 4 ? -2.491 -5.069  -1.761  1.00 11.49 ? 4   DG  A C8    1 
ATOM   76  N N7    . DG  A 1 4 ? -1.874 -3.924  -1.646  1.00 11.21 ? 4   DG  A N7    1 
ATOM   77  C C5    . DG  A 1 4 ? -1.059 -4.085  -0.529  1.00 9.91  ? 4   DG  A C5    1 
ATOM   78  C C6    . DG  A 1 4 ? -0.167 -3.172  0.098   1.00 9.72  ? 4   DG  A C6    1 
ATOM   79  O O6    . DG  A 1 4 ? 0.093  -2.010  -0.232  1.00 12.49 ? 4   DG  A O6    1 
ATOM   80  N N1    . DG  A 1 4 ? 0.465  -3.739  1.201   1.00 10.11 ? 4   DG  A N1    1 
ATOM   81  C C2    . DG  A 1 4 ? 0.254  -5.020  1.658   1.00 11.39 ? 4   DG  A C2    1 
ATOM   82  N N2    . DG  A 1 4 ? 0.949  -5.380  2.755   1.00 11.59 ? 4   DG  A N2    1 
ATOM   83  N N3    . DG  A 1 4 ? -0.574 -5.888  1.082   1.00 12.04 ? 4   DG  A N3    1 
ATOM   84  C C4    . DG  A 1 4 ? -1.203 -5.348  0.002   1.00 9.81  ? 4   DG  A C4    1 
ATOM   85  P P     . DC  A 1 5 ? -7.343 -6.559  0.597   1.00 17.77 ? 5   DC  A P     1 
ATOM   86  O OP1   . DC  A 1 5 ? -8.557 -7.370  0.811   1.00 20.52 ? 5   DC  A OP1   1 
ATOM   87  O OP2   . DC  A 1 5 ? -7.387 -5.381  -0.295  1.00 20.95 ? 5   DC  A OP2   1 
ATOM   88  O "O5'" . DC  A 1 5 ? -6.813 -6.032  2.003   1.00 15.59 ? 5   DC  A "O5'" 1 
ATOM   89  C "C5'" . DC  A 1 5 ? -6.700 -6.920  3.096   1.00 19.41 ? 5   DC  A "C5'" 1 
ATOM   90  C "C4'" . DC  A 1 5 ? -5.652 -6.433  4.079   1.00 16.76 ? 5   DC  A "C4'" 1 
ATOM   91  O "O4'" . DC  A 1 5 ? -4.421 -6.168  3.379   1.00 14.47 ? 5   DC  A "O4'" 1 
ATOM   92  C "C3'" . DC  A 1 5 ? -5.961 -5.121  4.779   1.00 19.14 ? 5   DC  A "C3'" 1 
ATOM   93  O "O3'" . DC  A 1 5 ? -6.790 -5.363  5.888   1.00 18.95 ? 5   DC  A "O3'" 1 
ATOM   94  C "C2'" . DC  A 1 5 ? -4.572 -4.693  5.221   1.00 16.13 ? 5   DC  A "C2'" 1 
ATOM   95  C "C1'" . DC  A 1 5 ? -3.727 -5.114  4.028   1.00 14.67 ? 5   DC  A "C1'" 1 
ATOM   96  N N1    . DC  A 1 5 ? -3.505 -4.009  3.065   1.00 14.44 ? 5   DC  A N1    1 
ATOM   97  C C2    . DC  A 1 5 ? -2.522 -3.066  3.342   1.00 16.06 ? 5   DC  A C2    1 
ATOM   98  O O2    . DC  A 1 5 ? -1.851 -3.201  4.372   1.00 16.97 ? 5   DC  A O2    1 
ATOM   99  N N3    . DC  A 1 5 ? -2.311 -2.047  2.464   1.00 12.24 ? 5   DC  A N3    1 
ATOM   100 C C4    . DC  A 1 5 ? -3.064 -1.946  1.368   1.00 11.51 ? 5   DC  A C4    1 
ATOM   101 N N4    . DC  A 1 5 ? -2.829 -0.923  0.545   1.00 12.90 ? 5   DC  A N4    1 
ATOM   102 C C5    . DC  A 1 5 ? -4.093 -2.898  1.070   1.00 12.80 ? 5   DC  A C5    1 
ATOM   103 C C6    . DC  A 1 5 ? -4.280 -3.901  1.941   1.00 13.46 ? 5   DC  A C6    1 
ATOM   104 P P     . DC  A 1 6 ? -7.770 -4.218  6.433   1.00 20.50 ? 6   DC  A P     1 
ATOM   105 O OP1   . DC  A 1 6 ? -8.477 -4.828  7.575   1.00 23.76 ? 6   DC  A OP1   1 
ATOM   106 O OP2   . DC  A 1 6 ? -8.492 -3.607  5.304   1.00 20.82 ? 6   DC  A OP2   1 
ATOM   107 O "O5'" . DC  A 1 6 ? -6.791 -3.079  6.975   1.00 18.35 ? 6   DC  A "O5'" 1 
ATOM   108 C "C5'" . DC  A 1 6 ? -5.984 -3.316  8.107   1.00 15.51 ? 6   DC  A "C5'" 1 
ATOM   109 C "C4'" . DC  A 1 6 ? -5.008 -2.177  8.298   1.00 14.72 ? 6   DC  A "C4'" 1 
ATOM   110 O "O4'" . DC  A 1 6 ? -4.121 -2.118  7.154   1.00 16.57 ? 6   DC  A "O4'" 1 
ATOM   111 C "C3'" . DC  A 1 6 ? -5.639 -0.798  8.345   1.00 15.26 ? 6   DC  A "C3'" 1 
ATOM   112 O "O3'" . DC  A 1 6 ? -6.116 -0.516  9.648   1.00 17.84 ? 6   DC  A "O3'" 1 
ATOM   113 C "C2'" . DC  A 1 6 ? -4.453 0.077   7.976   1.00 15.04 ? 6   DC  A "C2'" 1 
ATOM   114 C "C1'" . DC  A 1 6 ? -3.791 -0.761  6.885   1.00 16.66 ? 6   DC  A "C1'" 1 
ATOM   115 N N1    . DC  A 1 6 ? -4.265 -0.415  5.508   1.00 14.11 ? 6   DC  A N1    1 
ATOM   116 C C2    . DC  A 1 6 ? -3.676 0.657   4.846   1.00 11.03 ? 6   DC  A C2    1 
ATOM   117 O O2    . DC  A 1 6 ? -2.781 1.289   5.420   1.00 15.45 ? 6   DC  A O2    1 
ATOM   118 N N3    . DC  A 1 6 ? -4.102 0.982   3.604   1.00 12.36 ? 6   DC  A N3    1 
ATOM   119 C C4    . DC  A 1 6 ? -5.076 0.276   3.025   1.00 13.27 ? 6   DC  A C4    1 
ATOM   120 N N4    . DC  A 1 6 ? -5.468 0.640   1.796   1.00 14.91 ? 6   DC  A N4    1 
ATOM   121 C C5    . DC  A 1 6 ? -5.705 -0.818  3.690   1.00 14.82 ? 6   DC  A C5    1 
ATOM   122 C C6    . DC  A 1 6 ? -5.273 -1.128  4.922   1.00 13.78 ? 6   DC  A C6    1 
ATOM   123 P P     . DC  A 1 7 ? -7.284 0.566   9.872   1.00 18.41 ? 7   DC  A P     1 
ATOM   124 O OP1   . DC  A 1 7 ? -7.796 0.368   11.244  1.00 22.97 ? 7   DC  A OP1   1 
ATOM   125 O OP2   . DC  A 1 7 ? -8.200 0.531   8.711   1.00 21.73 ? 7   DC  A OP2   1 
ATOM   126 O "O5'" . DC  A 1 7 ? -6.524 1.976   9.821   1.00 15.54 ? 7   DC  A "O5'" 1 
ATOM   127 C "C5'" . DC  A 1 7 ? -5.527 2.267   10.781  1.00 14.32 ? 7   DC  A "C5'" 1 
ATOM   128 C "C4'" . DC  A 1 7 ? -4.711 3.468   10.354  1.00 15.25 ? 7   DC  A "C4'" 1 
ATOM   129 O "O4'" . DC  A 1 7 ? -4.083 3.197   9.086   1.00 13.23 ? 7   DC  A "O4'" 1 
ATOM   130 C "C3'" . DC  A 1 7 ? -5.513 4.725   10.116  1.00 14.39 ? 7   DC  A "C3'" 1 
ATOM   131 O "O3'" . DC  A 1 7 ? -5.710 5.382   11.348  1.00 13.34 ? 7   DC  A "O3'" 1 
ATOM   132 C "C2'" . DC  A 1 7 ? -4.590 5.515   9.203   1.00 12.60 ? 7   DC  A "C2'" 1 
ATOM   133 C "C1'" . DC  A 1 7 ? -3.982 4.411   8.352   1.00 12.39 ? 7   DC  A "C1'" 1 
ATOM   134 N N1    . DC  A 1 7 ? -4.626 4.227   7.037   1.00 11.88 ? 7   DC  A N1    1 
ATOM   135 C C2    . DC  A 1 7 ? -4.255 5.057   5.999   1.00 11.15 ? 7   DC  A C2    1 
ATOM   136 O O2    . DC  A 1 7 ? -3.441 5.953   6.228   1.00 11.47 ? 7   DC  A O2    1 
ATOM   137 N N3    . DC  A 1 7 ? -4.808 4.880   4.773   1.00 10.37 ? 7   DC  A N3    1 
ATOM   138 C C4    . DC  A 1 7 ? -5.697 3.907   4.582   1.00 10.61 ? 7   DC  A C4    1 
ATOM   139 N N4    . DC  A 1 7 ? -6.213 3.761   3.356   1.00 11.95 ? 7   DC  A N4    1 
ATOM   140 C C5    . DC  A 1 7 ? -6.097 3.040   5.642   1.00 14.38 ? 7   DC  A C5    1 
ATOM   141 C C6    . DC  A 1 7 ? -5.542 3.234   6.846   1.00 14.51 ? 7   DC  A C6    1 
ATOM   142 P P     . DC  A 1 8 ? -6.717 6.622   11.442  1.00 16.76 ? 8   DC  A P     1 
ATOM   143 O OP1   . DC  A 1 8 ? -6.811 6.965   12.869  1.00 19.91 ? 8   DC  A OP1   1 
ATOM   144 O OP2   . DC  A 1 8 ? -7.907 6.311   10.635  1.00 17.79 ? 8   DC  A OP2   1 
ATOM   145 O "O5'" . DC  A 1 8 ? -5.911 7.800   10.731  1.00 14.07 ? 8   DC  A "O5'" 1 
ATOM   146 C "C5'" . DC  A 1 8 ? -6.550 8.992   10.401  1.00 17.41 ? 8   DC  A "C5'" 1 
ATOM   147 C "C4'" . DC  A 1 8 ? -5.618 9.857   9.588   1.00 11.77 ? 8   DC  A "C4'" 1 
ATOM   148 O "O4'" . DC  A 1 8 ? -5.267 9.146   8.362   1.00 11.34 ? 8   DC  A "O4'" 1 
ATOM   149 C "C3'" . DC  A 1 8 ? -6.215 11.195  9.163   1.00 21.32 ? 8   DC  A "C3'" 1 
ATOM   150 O "O3'" . DC  A 1 8 ? -5.197 12.206  9.118   1.00 22.26 ? 8   DC  A "O3'" 1 
ATOM   151 C "C2'" . DC  A 1 8 ? -6.751 10.883  7.778   1.00 16.37 ? 8   DC  A "C2'" 1 
ATOM   152 C "C1'" . DC  A 1 8 ? -5.715 9.896   7.250   1.00 11.80 ? 8   DC  A "C1'" 1 
ATOM   153 N N1    . DC  A 1 8 ? -6.279 8.964   6.247   1.00 11.73 ? 8   DC  A N1    1 
ATOM   154 C C2    . DC  A 1 8 ? -6.329 9.356   4.909   1.00 12.06 ? 8   DC  A C2    1 
ATOM   155 O O2    . DC  A 1 8 ? -5.896 10.475  4.593   1.00 12.45 ? 8   DC  A O2    1 
ATOM   156 N N3    . DC  A 1 8 ? -6.864 8.505   3.995   1.00 12.13 ? 8   DC  A N3    1 
ATOM   157 C C4    . DC  A 1 8 ? -7.333 7.317   4.383   1.00 11.90 ? 8   DC  A C4    1 
ATOM   158 N N4    . DC  A 1 8 ? -7.851 6.515   3.449   1.00 15.60 ? 8   DC  A N4    1 
ATOM   159 C C5    . DC  A 1 8 ? -7.300 6.904   5.748   1.00 12.46 ? 8   DC  A C5    1 
ATOM   160 C C6    . DC  A 1 8 ? -6.768 7.748   6.640   1.00 14.63 ? 8   DC  A C6    1 
ATOM   161 O "O5'" . DG  B 1 1 ? -7.390 9.683   -5.934  1.00 38.09 ? 1   DG  C "O5'" 1 
ATOM   162 C "C5'" . DG  B 1 1 ? -7.191 10.986  -6.460  1.00 29.09 ? 1   DG  C "C5'" 1 
ATOM   163 C "C4'" . DG  B 1 1 ? -6.757 11.946  -5.367  1.00 20.84 ? 1   DG  C "C4'" 1 
ATOM   164 O "O4'" . DG  B 1 1 ? -7.823 12.106  -4.401  1.00 21.74 ? 1   DG  C "O4'" 1 
ATOM   165 C "C3'" . DG  B 1 1 ? -5.561 11.500  -4.545  1.00 23.30 ? 1   DG  C "C3'" 1 
ATOM   166 O "O3'" . DG  B 1 1 ? -4.375 11.874  -5.191  1.00 21.96 ? 1   DG  C "O3'" 1 
ATOM   167 C "C2'" . DG  B 1 1 ? -5.765 12.308  -3.277  1.00 19.76 ? 1   DG  C "C2'" 1 
ATOM   168 C "C1'" . DG  B 1 1 ? -7.266 12.176  -3.102  1.00 20.48 ? 1   DG  C "C1'" 1 
ATOM   169 N N9    . DG  B 1 1 ? -7.639 10.975  -2.381  1.00 18.25 ? 1   DG  C N9    1 
ATOM   170 C C8    . DG  B 1 1 ? -8.350 9.903   -2.861  1.00 19.29 ? 1   DG  C C8    1 
ATOM   171 N N7    . DG  B 1 1 ? -8.535 8.965   -1.972  1.00 21.51 ? 1   DG  C N7    1 
ATOM   172 C C5    . DG  B 1 1 ? -7.899 9.448   -0.833  1.00 19.39 ? 1   DG  C C5    1 
ATOM   173 C C6    . DG  B 1 1 ? -7.760 8.871   0.443   1.00 16.60 ? 1   DG  C C6    1 
ATOM   174 O O6    . DG  B 1 1 ? -8.196 7.783   0.847   1.00 17.07 ? 1   DG  C O6    1 
ATOM   175 N N1    . DG  B 1 1 ? -7.041 9.701   1.311   1.00 13.64 ? 1   DG  C N1    1 
ATOM   176 C C2    . DG  B 1 1 ? -6.512 10.922  0.975   1.00 15.10 ? 1   DG  C C2    1 
ATOM   177 N N2    . DG  B 1 1 ? -5.853 11.572  1.947   1.00 13.98 ? 1   DG  C N2    1 
ATOM   178 N N3    . DG  B 1 1 ? -6.631 11.475  -0.222  1.00 15.83 ? 1   DG  C N3    1 
ATOM   179 C C4    . DG  B 1 1 ? -7.335 10.681  -1.074  1.00 15.25 ? 1   DG  C C4    1 
ATOM   180 P P     . DG  B 1 2 ? -3.074 10.943  -5.102  1.00 22.35 ? 2   DG  C P     1 
ATOM   181 O OP1   . DG  B 1 2 ? -2.072 11.567  -6.004  1.00 28.12 ? 2   DG  C OP1   1 
ATOM   182 O OP2   . DG  B 1 2 ? -3.471 9.526   -5.251  1.00 22.18 ? 2   DG  C OP2   1 
ATOM   183 O "O5'" . DG  B 1 2 ? -2.597 11.068  -3.583  1.00 22.24 ? 2   DG  C "O5'" 1 
ATOM   184 C "C5'" . DG  B 1 2 ? -2.250 12.326  -3.051  1.00 24.03 ? 2   DG  C "C5'" 1 
ATOM   185 C "C4'" . DG  B 1 2 ? -1.967 12.198  -1.570  1.00 21.07 ? 2   DG  C "C4'" 1 
ATOM   186 O "O4'" . DG  B 1 2 ? -3.158 11.766  -0.882  1.00 17.52 ? 2   DG  C "O4'" 1 
ATOM   187 C "C3'" . DG  B 1 2 ? -0.932 11.159  -1.213  1.00 21.77 ? 2   DG  C "C3'" 1 
ATOM   188 O "O3'" . DG  B 1 2 ? 0.357  11.718  -1.360  1.00 26.14 ? 2   DG  C "O3'" 1 
ATOM   189 C "C2'" . DG  B 1 2 ? -1.272 10.881  0.252   1.00 16.78 ? 2   DG  C "C2'" 1 
ATOM   190 C "C1'" . DG  B 1 2 ? -2.797 11.003  0.251   1.00 14.54 ? 2   DG  C "C1'" 1 
ATOM   191 N N9    . DG  B 1 2 ? -3.473 9.717   0.189   1.00 13.69 ? 2   DG  C N9    1 
ATOM   192 C C8    . DG  B 1 2 ? -4.056 9.115   -0.901  1.00 17.27 ? 2   DG  C C8    1 
ATOM   193 N N7    . DG  B 1 2 ? -4.574 7.944   -0.628  1.00 17.28 ? 2   DG  C N7    1 
ATOM   194 C C5    . DG  B 1 2 ? -4.301 7.763   0.726   1.00 12.67 ? 2   DG  C C5    1 
ATOM   195 C C6    . DG  B 1 2 ? -4.616 6.686   1.590   1.00 12.22 ? 2   DG  C C6    1 
ATOM   196 O O6    . DG  B 1 2 ? -5.218 5.634   1.325   1.00 12.99 ? 2   DG  C O6    1 
ATOM   197 N N1    . DG  B 1 2 ? -4.160 6.918   2.885   1.00 10.89 ? 2   DG  C N1    1 
ATOM   198 C C2    . DG  B 1 2 ? -3.482 8.046   3.287   1.00 12.65 ? 2   DG  C C2    1 
ATOM   199 N N2    . DG  B 1 2 ? -3.114 8.095   4.579   1.00 14.13 ? 2   DG  C N2    1 
ATOM   200 N N3    . DG  B 1 2 ? -3.185 9.056   2.490   1.00 13.31 ? 2   DG  C N3    1 
ATOM   201 C C4    . DG  B 1 2 ? -3.624 8.846   1.231   1.00 13.89 ? 2   DG  C C4    1 
ATOM   202 P P     . DA  B 1 3 ? 1.659  10.779  -1.337  1.00 26.46 ? 3   DA  C P     1 
ATOM   203 O OP1   . DA  B 1 3 ? 2.809  11.640  -1.700  1.00 37.13 ? 3   DA  C OP1   1 
ATOM   204 O OP2   . DA  B 1 3 ? 1.387  9.522   -2.072  1.00 25.30 ? 3   DA  C OP2   1 
ATOM   205 O "O5'" . DA  B 1 3 ? 1.793  10.390  0.199   1.00 22.20 ? 3   DA  C "O5'" 1 
ATOM   206 C "C5'" . DA  B 1 3 ? 2.273  9.133   0.566   1.00 16.86 ? 3   DA  C "C5'" 1 
ATOM   207 C "C4'" . DA  B 1 3 ? 2.223  8.997   2.066   1.00 16.09 ? 3   DA  C "C4'" 1 
ATOM   208 O "O4'" . DA  B 1 3 ? 0.839  9.013   2.499   1.00 16.72 ? 3   DA  C "O4'" 1 
ATOM   209 C "C3'" . DA  B 1 3 ? 2.775  7.696   2.597   1.00 16.26 ? 3   DA  C "C3'" 1 
ATOM   210 O "O3'" . DA  B 1 3 ? 4.167  7.812   2.763   1.00 15.62 ? 3   DA  C "O3'" 1 
ATOM   211 C "C2'" . DA  B 1 3 ? 2.054  7.583   3.928   1.00 14.31 ? 3   DA  C "C2'" 1 
ATOM   212 C "C1'" . DA  B 1 3 ? 0.662  8.049   3.528   1.00 14.14 ? 3   DA  C "C1'" 1 
ATOM   213 N N9    . DA  B 1 3 ? -0.164 6.975   2.998   1.00 13.94 ? 3   DA  C N9    1 
ATOM   214 C C8    . DA  B 1 3 ? -0.644 6.853   1.723   1.00 12.21 ? 3   DA  C C8    1 
ATOM   215 N N7    . DA  B 1 3 ? -1.366 5.776   1.534   1.00 13.42 ? 3   DA  C N7    1 
ATOM   216 C C5    . DA  B 1 3 ? -1.361 5.152   2.770   1.00 10.20 ? 3   DA  C C5    1 
ATOM   217 C C6    . DA  B 1 3 ? -1.944 3.961   3.234   1.00 11.19 ? 3   DA  C C6    1 
ATOM   218 N N6    . DA  B 1 3 ? -2.693 3.158   2.469   1.00 13.79 ? 3   DA  C N6    1 
ATOM   219 N N1    . DA  B 1 3 ? -1.736 3.629   4.515   1.00 10.32 ? 3   DA  C N1    1 
ATOM   220 C C2    . DA  B 1 3 ? -0.987 4.424   5.285   1.00 9.43  ? 3   DA  C C2    1 
ATOM   221 N N3    . DA  B 1 3 ? -0.392 5.563   4.967   1.00 10.71 ? 3   DA  C N3    1 
ATOM   222 C C4    . DA  B 1 3 ? -0.614 5.874   3.678   1.00 11.51 ? 3   DA  C C4    1 
ATOM   223 P P     . DG  B 1 4 ? 5.106  6.566   2.405   1.00 17.56 ? 4   DG  C P     1 
ATOM   224 O OP1   . DG  B 1 4 ? 6.497  7.052   2.568   1.00 22.71 ? 4   DG  C OP1   1 
ATOM   225 O OP2   . DG  B 1 4 ? 4.667  5.955   1.135   1.00 17.83 ? 4   DG  C OP2   1 
ATOM   226 O "O5'" . DG  B 1 4 ? 4.761  5.500   3.531   1.00 15.96 ? 4   DG  C "O5'" 1 
ATOM   227 C "C5'" . DG  B 1 4 ? 5.094  5.745   4.880   1.00 16.90 ? 4   DG  C "C5'" 1 
ATOM   228 C "C4'" . DG  B 1 4 ? 4.591  4.610   5.743   1.00 14.18 ? 4   DG  C "C4'" 1 
ATOM   229 O "O4'" . DG  B 1 4 ? 3.138  4.549   5.689   1.00 13.37 ? 4   DG  C "O4'" 1 
ATOM   230 C "C3'" . DG  B 1 4 ? 5.036  3.231   5.302   1.00 15.34 ? 4   DG  C "C3'" 1 
ATOM   231 O "O3'" . DG  B 1 4 ? 6.317  2.960   5.821   1.00 15.43 ? 4   DG  C "O3'" 1 
ATOM   232 C "C2'" . DG  B 1 4 ? 3.979  2.348   5.957   1.00 12.48 ? 4   DG  C "C2'" 1 
ATOM   233 C "C1'" . DG  B 1 4 ? 2.727  3.186   5.737   1.00 14.17 ? 4   DG  C "C1'" 1 
ATOM   234 N N9    . DG  B 1 4 ? 2.028  2.871   4.498   1.00 12.88 ? 4   DG  C N9    1 
ATOM   235 C C8    . DG  B 1 4 ? 2.009  3.617   3.343   1.00 14.03 ? 4   DG  C C8    1 
ATOM   236 N N7    . DG  B 1 4 ? 1.268  3.095   2.399   1.00 13.46 ? 4   DG  C N7    1 
ATOM   237 C C5    . DG  B 1 4 ? 0.757  1.936   2.975   1.00 9.31  ? 4   DG  C C5    1 
ATOM   238 C C6    . DG  B 1 4 ? -0.113 0.956   2.437   1.00 11.65 ? 4   DG  C C6    1 
ATOM   239 O O6    . DG  B 1 4 ? -0.643 0.938   1.317   1.00 12.82 ? 4   DG  C O6    1 
ATOM   240 N N1    . DG  B 1 4 ? -0.388 -0.057  3.360   1.00 11.79 ? 4   DG  C N1    1 
ATOM   241 C C2    . DG  B 1 4 ? 0.129  -0.123  4.636   1.00 11.70 ? 4   DG  C C2    1 
ATOM   242 N N2    . DG  B 1 4 ? -0.231 -1.183  5.380   1.00 14.69 ? 4   DG  C N2    1 
ATOM   243 N N3    . DG  B 1 4 ? 0.947  0.789   5.147   1.00 12.97 ? 4   DG  C N3    1 
ATOM   244 C C4    . DG  B 1 4 ? 1.215  1.783   4.266   1.00 11.41 ? 4   DG  C C4    1 
ATOM   245 P P     . DC  B 1 5 ? 7.374  2.097   4.975   1.00 15.40 ? 5   DC  C P     1 
ATOM   246 O OP1   . DC  B 1 5 ? 8.672  2.366   5.632   1.00 20.09 ? 5   DC  C OP1   1 
ATOM   247 O OP2   . DC  B 1 5 ? 7.172  2.325   3.532   1.00 16.36 ? 5   DC  C OP2   1 
ATOM   248 O "O5'" . DC  B 1 5 ? 6.948  0.585   5.235   1.00 14.12 ? 5   DC  C "O5'" 1 
ATOM   249 C "C5'" . DC  B 1 5 ? 7.048  0.053   6.541   1.00 14.95 ? 5   DC  C "C5'" 1 
ATOM   250 C "C4'" . DC  B 1 5 ? 6.261  -1.232  6.663   1.00 15.92 ? 5   DC  C "C4'" 1 
ATOM   251 O "O4'" . DC  B 1 5 ? 4.871  -0.961  6.395   1.00 13.39 ? 5   DC  C "O4'" 1 
ATOM   252 C "C3'" . DC  B 1 5 ? 6.635  -2.308  5.664   1.00 14.30 ? 5   DC  C "C3'" 1 
ATOM   253 O "O3'" . DC  B 1 5 ? 7.745  -3.043  6.145   1.00 15.46 ? 5   DC  C "O3'" 1 
ATOM   254 C "C2'" . DC  B 1 5 ? 5.366  -3.149  5.640   1.00 15.83 ? 5   DC  C "C2'" 1 
ATOM   255 C "C1'" . DC  B 1 5 ? 4.286  -2.076  5.743   1.00 13.40 ? 5   DC  C "C1'" 1 
ATOM   256 N N1    . DC  B 1 5 ? 3.757  -1.631  4.420   1.00 11.60 ? 5   DC  C N1    1 
ATOM   257 C C2    . DC  B 1 5 ? 2.807  -2.418  3.772   1.00 13.14 ? 5   DC  C C2    1 
ATOM   258 O O2    . DC  B 1 5 ? 2.421  -3.460  4.315   1.00 16.09 ? 5   DC  C O2    1 
ATOM   259 N N3    . DC  B 1 5 ? 2.327  -2.009  2.572   1.00 11.19 ? 5   DC  C N3    1 
ATOM   260 C C4    . DC  B 1 5 ? 2.779  -0.877  2.018   1.00 10.29 ? 5   DC  C C4    1 
ATOM   261 N N4    . DC  B 1 5 ? 2.267  -0.509  0.829   1.00 12.24 ? 5   DC  C N4    1 
ATOM   262 C C5    . DC  B 1 5 ? 3.761  -0.067  2.656   1.00 10.21 ? 5   DC  C C5    1 
ATOM   263 C C6    . DC  B 1 5 ? 4.222  -0.478  3.843   1.00 11.55 ? 5   DC  C C6    1 
ATOM   264 P P     . DC  B 1 6 ? 8.789  -3.710  5.128   1.00 18.45 ? 6   DC  C P     1 
ATOM   265 O OP1   . DC  B 1 6 ? 9.814  -4.355  5.987   1.00 22.45 ? 6   DC  C OP1   1 
ATOM   266 O OP2   . DC  B 1 6 ? 9.200  -2.727  4.103   1.00 19.20 ? 6   DC  C OP2   1 
ATOM   267 O "O5'" . DC  B 1 6 ? 7.923  -4.826  4.368   1.00 17.98 ? 6   DC  C "O5'" 1 
ATOM   268 C "C5'" . DC  B 1 6 ? 7.451  -5.973  5.055   1.00 16.86 ? 6   DC  C "C5'" 1 
ATOM   269 C "C4'" . DC  B 1 6 ? 6.456  -6.720  4.193   1.00 14.75 ? 6   DC  C "C4'" 1 
ATOM   270 O "O4'" . DC  B 1 6 ? 5.309  -5.876  3.930   1.00 13.68 ? 6   DC  C "O4'" 1 
ATOM   271 C "C3'" . DC  B 1 6 ? 6.971  -7.083  2.819   1.00 16.83 ? 6   DC  C "C3'" 1 
ATOM   272 O "O3'" . DC  B 1 6 ? 7.707  -8.285  2.890   1.00 18.77 ? 6   DC  C "O3'" 1 
ATOM   273 C "C2'" . DC  B 1 6 ? 5.674  -7.247  2.041   1.00 15.23 ? 6   DC  C "C2'" 1 
ATOM   274 C "C1'" . DC  B 1 6 ? 4.846  -6.094  2.604   1.00 13.64 ? 6   DC  C "C1'" 1 
ATOM   275 N N1    . DC  B 1 6 ? 4.975  -4.817  1.821   1.00 11.69 ? 6   DC  C N1    1 
ATOM   276 C C2    . DC  B 1 6 ? 4.173  -4.636  0.696   1.00 12.39 ? 6   DC  C C2    1 
ATOM   277 O O2    . DC  B 1 6 ? 3.395  -5.532  0.384   1.00 13.87 ? 6   DC  C O2    1 
ATOM   278 N N3    . DC  B 1 6 ? 4.273  -3.485  -0.015  1.00 10.69 ? 6   DC  C N3    1 
ATOM   279 C C4    . DC  B 1 6 ? 5.150  -2.551  0.356   1.00 10.76 ? 6   DC  C C4    1 
ATOM   280 N N4    . DC  B 1 6 ? 5.220  -1.436  -0.374  1.00 11.96 ? 6   DC  C N4    1 
ATOM   281 C C5    . DC  B 1 6 ? 5.983  -2.710  1.500   1.00 11.55 ? 6   DC  C C5    1 
ATOM   282 C C6    . DC  B 1 6 ? 5.867  -3.851  2.201   1.00 13.25 ? 6   DC  C C6    1 
ATOM   283 P P     . DC  B 1 7 ? 8.966  -8.508  1.930   1.00 18.91 ? 7   DC  C P     1 
ATOM   284 O OP1   . DC  B 1 7 ? 9.759  -9.592  2.546   1.00 23.47 ? 7   DC  C OP1   1 
ATOM   285 O OP2   . DC  B 1 7 ? 9.586  -7.214  1.568   1.00 21.57 ? 7   DC  C OP2   1 
ATOM   286 O "O5'" . DC  B 1 7 ? 8.322  -9.066  0.582   1.00 14.73 ? 7   DC  C "O5'" 1 
ATOM   287 C "C5'" . DC  B 1 7 ? 7.662  -10.314 0.582   1.00 17.86 ? 7   DC  C "C5'" 1 
ATOM   288 C "C4'" . DC  B 1 7 ? 6.639  -10.370 -0.534  1.00 14.47 ? 7   DC  C "C4'" 1 
ATOM   289 O "O4'" . DC  B 1 7 ? 5.737  -9.258  -0.414  1.00 12.51 ? 7   DC  C "O4'" 1 
ATOM   290 C "C3'" . DC  B 1 7 ? 7.187  -10.216 -1.932  1.00 14.52 ? 7   DC  C "C3'" 1 
ATOM   291 O "O3'" . DC  B 1 7 ? 7.741  -11.430 -2.379  1.00 15.12 ? 7   DC  C "O3'" 1 
ATOM   292 C "C2'" . DC  B 1 7 ? 5.914  -9.861  -2.689  1.00 11.47 ? 7   DC  C "C2'" 1 
ATOM   293 C "C1'" . DC  B 1 7 ? 5.245  -8.915  -1.696  1.00 12.74 ? 7   DC  C "C1'" 1 
ATOM   294 N N1    . DC  B 1 7 ? 5.548  -7.489  -1.965  1.00 11.10 ? 7   DC  C N1    1 
ATOM   295 C C2    . DC  B 1 7 ? 4.773  -6.816  -2.903  1.00 10.24 ? 7   DC  C C2    1 
ATOM   296 O O2    . DC  B 1 7 ? 3.865  -7.429  -3.461  1.00 13.72 ? 7   DC  C O2    1 
ATOM   297 N N3    . DC  B 1 7 ? 5.028  -5.519  -3.163  1.00 9.63  ? 7   DC  C N3    1 
ATOM   298 C C4    . DC  B 1 7 ? 6.015  -4.886  -2.526  1.00 8.85  ? 7   DC  C C4    1 
ATOM   299 N N4    . DC  B 1 7 ? 6.225  -3.590  -2.820  1.00 11.35 ? 7   DC  C N4    1 
ATOM   300 C C5    . DC  B 1 7 ? 6.836  -5.554  -1.567  1.00 10.15 ? 7   DC  C C5    1 
ATOM   301 C C6    . DC  B 1 7 ? 6.571  -6.851  -1.317  1.00 13.22 ? 7   DC  C C6    1 
ATOM   302 P P     . DC  B 1 8 ? 8.831  -11.423 -3.561  1.00 15.93 ? 8   DC  C P     1 
ATOM   303 O OP1   . DC  B 1 8 ? 9.363  -12.801 -3.689  1.00 19.96 ? 8   DC  C OP1   1 
ATOM   304 O OP2   . DC  B 1 8 ? 9.755  -10.283 -3.340  1.00 19.12 ? 8   DC  C OP2   1 
ATOM   305 O "O5'" . DC  B 1 8 ? 7.996  -11.085 -4.869  1.00 13.97 ? 8   DC  C "O5'" 1 
ATOM   306 C "C5'" . DC  B 1 8 ? 7.122  -12.051 -5.445  1.00 12.92 ? 8   DC  C "C5'" 1 
ATOM   307 C "C4'" . DC  B 1 8 ? 6.547  -11.511 -6.734  1.00 12.07 ? 8   DC  C "C4'" 1 
ATOM   308 O "O4'" . DC  B 1 8 ? 5.750  -10.334 -6.434  1.00 14.13 ? 8   DC  C "O4'" 1 
ATOM   309 C "C3'" . DC  B 1 8 ? 7.578  -11.011 -7.732  1.00 12.24 ? 8   DC  C "C3'" 1 
ATOM   310 O "O3'" . DC  B 1 8 ? 8.073  -12.086 -8.519  1.00 13.79 ? 8   DC  C "O3'" 1 
ATOM   311 C "C2'" . DC  B 1 8 ? 6.761  -10.035 -8.570  1.00 12.52 ? 8   DC  C "C2'" 1 
ATOM   312 C "C1'" . DC  B 1 8 ? 5.831  -9.416  -7.517  1.00 12.63 ? 8   DC  C "C1'" 1 
ATOM   313 N N1    . DC  B 1 8 ? 6.315  -8.124  -6.996  1.00 11.54 ? 8   DC  C N1    1 
ATOM   314 C C2    . DC  B 1 8 ? 6.036  -6.951  -7.702  1.00 13.57 ? 8   DC  C C2    1 
ATOM   315 O O2    . DC  B 1 8 ? 5.387  -7.026  -8.751  1.00 15.91 ? 8   DC  C O2    1 
ATOM   316 N N3    . DC  B 1 8 ? 6.484  -5.771  -7.216  1.00 10.85 ? 8   DC  C N3    1 
ATOM   317 C C4    . DC  B 1 8 ? 7.190  -5.734  -6.088  1.00 13.36 ? 8   DC  C C4    1 
ATOM   318 N N4    . DC  B 1 8 ? 7.617  -4.544  -5.657  1.00 12.76 ? 8   DC  C N4    1 
ATOM   319 C C5    . DC  B 1 8 ? 7.496  -6.924  -5.357  1.00 10.65 ? 8   DC  C C5    1 
ATOM   320 C C6    . DC  B 1 8 ? 7.045  -8.085  -5.847  1.00 11.80 ? 8   DC  C C6    1 
HETATM 321 O O     . HOH C 2 . ? -3.813 13.043  10.880  1.00 26.25 ? 101 HOH A O     1 
HETATM 322 O O     . HOH C 2 . ? -2.944 -2.195  -3.405  1.00 28.61 ? 102 HOH A O     1 
HETATM 323 O O     . HOH C 2 . ? -2.635 2.000   -12.673 1.00 29.27 ? 103 HOH A O     1 
HETATM 324 O O     . HOH C 2 . ? -0.481 -0.302  -2.292  1.00 22.45 ? 104 HOH A O     1 
HETATM 325 O O     . HOH C 2 . ? -4.601 -0.694  -1.568  1.00 26.62 ? 105 HOH A O     1 
HETATM 326 O O     . HOH C 2 . ? 1.443  -7.128  -8.966  1.00 23.23 ? 106 HOH A O     1 
HETATM 327 O O     . HOH C 2 . ? -8.683 0.700   5.913   1.00 28.70 ? 107 HOH A O     1 
HETATM 328 O O     . HOH C 2 . ? -9.624 4.049   10.303  1.00 36.00 ? 108 HOH A O     1 
HETATM 329 O O     . HOH C 2 . ? -9.537 4.317   4.189   1.00 23.83 ? 109 HOH A O     1 
HETATM 330 O O     . HOH C 2 . ? -1.230 -4.490  6.892   1.00 23.93 ? 110 HOH A O     1 
HETATM 331 O O     . HOH C 2 . ? -6.133 -3.381  -1.989  1.00 25.17 ? 111 HOH A O     1 
HETATM 332 O O     . HOH C 2 . ? -7.587 -0.723  0.341   1.00 23.06 ? 112 HOH A O     1 
HETATM 333 O O     . HOH C 2 . ? -8.482 1.923   3.132   1.00 21.86 ? 113 HOH A O     1 
HETATM 334 O O     . HOH C 2 . ? 1.505  -0.906  -3.848  1.00 22.67 ? 114 HOH A O     1 
HETATM 335 O O     . HOH C 2 . ? -0.658 -9.397  -2.194  1.00 13.90 ? 115 HOH A O     1 
HETATM 336 O O     . HOH C 2 . ? 5.355  -5.879  -13.136 1.00 17.28 ? 116 HOH A O     1 
HETATM 337 O O     . HOH C 2 . ? -2.020 1.583   10.802  1.00 23.77 ? 117 HOH A O     1 
HETATM 338 O O     . HOH C 2 . ? -2.555 -10.563 -0.567  1.00 14.91 ? 118 HOH A O     1 
HETATM 339 O O     . HOH C 2 . ? -3.205 -5.858  8.577   1.00 28.46 ? 119 HOH A O     1 
HETATM 340 O O     . HOH D 2 . ? -0.296 7.798   -1.579  1.00 25.98 ? 101 HOH C O     1 
HETATM 341 O O     . HOH D 2 . ? -2.109 7.726   -3.871  1.00 33.01 ? 102 HOH C O     1 
HETATM 342 O O     . HOH D 2 . ? -2.044 4.901   -0.927  1.00 28.79 ? 103 HOH C O     1 
HETATM 343 O O     . HOH D 2 . ? -0.049 2.339   -0.928  1.00 25.40 ? 104 HOH C O     1 
HETATM 344 O O     . HOH D 2 . ? 12.379 -10.098 -2.635  1.00 27.92 ? 105 HOH C O     1 
HETATM 345 O O     . HOH D 2 . ? 7.903  -14.838 -2.606  1.00 29.55 ? 106 HOH C O     1 
HETATM 346 O O     . HOH D 2 . ? 9.810  -7.538  -2.888  1.00 20.31 ? 107 HOH C O     1 
HETATM 347 O O     . HOH D 2 . ? 9.829  -13.529 -6.864  1.00 23.26 ? 108 HOH C O     1 
HETATM 348 O O     . HOH D 2 . ? -5.076 5.868   -2.493  1.00 34.20 ? 109 HOH C O     1 
HETATM 349 O O     . HOH D 2 . ? 9.745  -4.899  -3.785  1.00 19.48 ? 110 HOH C O     1 
HETATM 350 O O     . HOH D 2 . ? 1.817  4.653   0.065   1.00 29.02 ? 111 HOH C O     1 
HETATM 351 O O     . HOH D 2 . ? 3.258  1.851   -0.492  1.00 19.78 ? 112 HOH C O     1 
HETATM 352 O O     . HOH D 2 . ? 3.801  -0.343  -2.659  1.00 21.64 ? 113 HOH C O     1 
HETATM 353 O O     . HOH D 2 . ? 8.631  -2.485  -1.602  1.00 25.20 ? 114 HOH C O     1 
HETATM 354 O O     . HOH D 2 . ? 7.271  0.301   0.824   1.00 25.49 ? 115 HOH C O     1 
HETATM 355 O O     . HOH D 2 . ? 8.517  -11.456 -11.392 1.00 18.16 ? 116 HOH C O     1 
HETATM 356 O O     . HOH D 2 . ? -4.268 2.695   -0.017  1.00 20.89 ? 117 HOH C O     1 
HETATM 357 O O     . HOH D 2 . ? 5.282  3.035   1.321   1.00 23.51 ? 118 HOH C O     1 
HETATM 358 O O     . HOH D 2 . ? 0.466  0.178   8.111   1.00 22.34 ? 119 HOH C O     1 
HETATM 359 O O     . HOH D 2 . ? 9.519  -4.096  1.310   1.00 31.21 ? 120 HOH C O     1 
HETATM 360 O O     . HOH D 2 . ? 0.850  11.019  5.028   1.00 15.80 ? 121 HOH C O     1 
HETATM 361 O O     . HOH D 2 . ? 3.241  12.118  3.955   1.00 25.13 ? 122 HOH C O     1 
# 
loop_
_atom_site_anisotrop.id 
_atom_site_anisotrop.type_symbol 
_atom_site_anisotrop.pdbx_label_atom_id 
_atom_site_anisotrop.pdbx_label_alt_id 
_atom_site_anisotrop.pdbx_label_comp_id 
_atom_site_anisotrop.pdbx_label_asym_id 
_atom_site_anisotrop.pdbx_label_seq_id 
_atom_site_anisotrop.pdbx_PDB_ins_code 
_atom_site_anisotrop.U[1][1] 
_atom_site_anisotrop.U[2][2] 
_atom_site_anisotrop.U[3][3] 
_atom_site_anisotrop.U[1][2] 
_atom_site_anisotrop.U[1][3] 
_atom_site_anisotrop.U[2][3] 
_atom_site_anisotrop.pdbx_auth_seq_id 
_atom_site_anisotrop.pdbx_auth_comp_id 
_atom_site_anisotrop.pdbx_auth_asym_id 
_atom_site_anisotrop.pdbx_auth_atom_id 
1   O "O5'" . DG  A 1 ? 0.2901 0.1642 0.1817 -0.0030 0.0535  0.0196  1   DG  A "O5'" 
2   C "C5'" . DG  A 1 ? 0.2966 0.1563 0.1622 0.0075  0.0514  0.0239  1   DG  A "C5'" 
3   C "C4'" . DG  A 1 ? 0.2511 0.1327 0.1279 0.0085  0.0421  0.0221  1   DG  A "C4'" 
4   O "O4'" . DG  A 1 ? 0.2387 0.1268 0.1309 -0.0031 0.0493  0.0185  1   DG  A "O4'" 
5   C "C3'" . DG  A 1 ? 0.2222 0.1334 0.1217 0.0099  0.0294  0.0194  1   DG  A "C3'" 
6   O "O3'" . DG  A 1 ? 0.2527 0.1676 0.1418 0.0224  0.0197  0.0203  1   DG  A "O3'" 
7   C "C2'" . DG  A 1 ? 0.2142 0.1376 0.1226 0.0051  0.0278  0.0166  1   DG  A "C2'" 
8   C "C1'" . DG  A 1 ? 0.2256 0.1391 0.1378 -0.0044 0.0401  0.0157  1   DG  A "C1'" 
9   N N9    . DG  A 1 ? 0.2025 0.1315 0.1391 -0.0112 0.0401  0.0120  1   DG  A N9    
10  C C8    . DG  A 1 ? 0.2329 0.1593 0.1771 -0.0159 0.0453  0.0100  1   DG  A C8    
11  N N7    . DG  A 1 ? 0.2060 0.1504 0.1713 -0.0190 0.0415  0.0059  1   DG  A N7    
12  C C5    . DG  A 1 ? 0.2009 0.1569 0.1707 -0.0164 0.0348  0.0062  1   DG  A C5    
13  C C6    . DG  A 1 ? 0.1774 0.1480 0.1612 -0.0162 0.0296  0.0034  1   DG  A C6    
14  O O6    . DG  A 1 ? 0.1858 0.1647 0.1816 -0.0167 0.0281  0.0000  1   DG  A O6    
15  N N1    . DG  A 1 ? 0.1710 0.1441 0.1508 -0.0146 0.0265  0.0043  1   DG  A N1    
16  C C2    . DG  A 1 ? 0.1596 0.1264 0.1264 -0.0133 0.0264  0.0063  1   DG  A C2    
17  N N2    . DG  A 1 ? 0.1886 0.1595 0.1542 -0.0135 0.0237  0.0050  1   DG  A N2    
18  N N3    . DG  A 1 ? 0.1832 0.1379 0.1361 -0.0113 0.0292  0.0089  1   DG  A N3    
19  C C4    . DG  A 1 ? 0.1868 0.1348 0.1408 -0.0128 0.0341  0.0093  1   DG  A C4    
20  P P     . DG  A 2 ? 0.2648 0.2026 0.1730 0.0246  0.0109  0.0176  2   DG  A P     
21  O OP1   . DG  A 2 ? 0.3228 0.2604 0.2155 0.0397  0.0032  0.0177  2   DG  A OP1   
22  O OP2   . DG  A 2 ? 0.2571 0.1934 0.1781 0.0169  0.0161  0.0180  2   DG  A OP2   
23  O "O5'" . DG  A 2 ? 0.2315 0.1939 0.1603 0.0177  0.0058  0.0124  2   DG  A "O5'" 
24  C "C5'" . DG  A 2 ? 0.2349 0.2054 0.1585 0.0209  0.0004  0.0090  2   DG  A "C5'" 
25  C "C4'" . DG  A 2 ? 0.2047 0.1904 0.1458 0.0105  0.0003  0.0044  2   DG  A "C4'" 
26  O "O4'" . DG  A 2 ? 0.2064 0.1818 0.1506 0.0027  0.0083  0.0070  2   DG  A "O4'" 
27  C "C3'" . DG  A 2 ? 0.2231 0.2251 0.1828 0.0062  -0.0015 0.0008  2   DG  A "C3'" 
28  O "O3'" . DG  A 2 ? 0.2050 0.2259 0.1695 0.0100  -0.0084 -0.0061 2   DG  A "O3'" 
29  C "C2'" . DG  A 2 ? 0.2008 0.2022 0.1682 -0.0036 0.0034  -0.0004 2   DG  A "C2'" 
30  C "C1'" . DG  A 2 ? 0.2086 0.1939 0.1689 -0.0041 0.0091  0.0045  2   DG  A "C1'" 
31  N N9    . DG  A 2 ? 0.1763 0.1578 0.1437 -0.0057 0.0123  0.0068  2   DG  A N9    
32  C C8    . DG  A 2 ? 0.1970 0.1694 0.1600 -0.0032 0.0146  0.0096  2   DG  A C8    
33  N N7    . DG  A 2 ? 0.1698 0.1436 0.1427 -0.0062 0.0164  0.0090  2   DG  A N7    
34  C C5    . DG  A 2 ? 0.1376 0.1198 0.1191 -0.0087 0.0148  0.0067  2   DG  A C5    
35  C C6    . DG  A 2 ? 0.1172 0.1026 0.1070 -0.0096 0.0145  0.0050  2   DG  A C6    
36  O O6    . DG  A 2 ? 0.1601 0.1455 0.1548 -0.0092 0.0147  0.0041  2   DG  A O6    
37  N N1    . DG  A 2 ? 0.1380 0.1247 0.1275 -0.0104 0.0143  0.0037  2   DG  A N1    
38  C C2    . DG  A 2 ? 0.1411 0.1281 0.1261 -0.0126 0.0149  0.0027  2   DG  A C2    
39  N N2    . DG  A 2 ? 0.1781 0.1616 0.1605 -0.0142 0.0170  0.0010  2   DG  A N2    
40  N N3    . DG  A 2 ? 0.1651 0.1536 0.1454 -0.0124 0.0137  0.0030  2   DG  A N3    
41  C C4    . DG  A 2 ? 0.1471 0.1325 0.1249 -0.0093 0.0133  0.0055  2   DG  A C4    
42  P P     . DA  A 3 ? 0.2462 0.2836 0.2260 0.0099  -0.0102 -0.0103 3   DA  A P     
43  O OP1   . DA  A 3 ? 0.2988 0.3595 0.2840 0.0153  -0.0180 -0.0197 3   DA  A OP1   
44  O OP2   . DA  A 3 ? 0.2448 0.2698 0.2206 0.0145  -0.0082 -0.0035 3   DA  A OP2   
45  O "O5'" . DA  A 3 ? 0.2104 0.2488 0.2022 -0.0032 -0.0034 -0.0124 3   DA  A "O5'" 
46  C "C5'" . DA  A 3 ? 0.1838 0.2298 0.1797 -0.0114 -0.0017 -0.0195 3   DA  A "C5'" 
47  C "C4'" . DA  A 3 ? 0.1906 0.2277 0.1902 -0.0213 0.0069  -0.0196 3   DA  A "C4'" 
48  O "O4'" . DA  A 3 ? 0.2030 0.2212 0.1945 -0.0200 0.0098  -0.0115 3   DA  A "O4'" 
49  C "C3'" . DA  A 3 ? 0.1773 0.2174 0.1844 -0.0227 0.0101  -0.0204 3   DA  A "C3'" 
50  O "O3'" . DA  A 3 ? 0.2020 0.2613 0.2207 -0.0281 0.0114  -0.0312 3   DA  A "O3'" 
51  C "C2'" . DA  A 3 ? 0.1798 0.2001 0.1797 -0.0278 0.0178  -0.0166 3   DA  A "C2'" 
52  C "C1'" . DA  A 3 ? 0.1661 0.1759 0.1584 -0.0227 0.0150  -0.0099 3   DA  A "C1'" 
53  N N9    . DA  A 3 ? 0.1425 0.1466 0.1343 -0.0167 0.0130  -0.0040 3   DA  A N9    
54  C C8    . DA  A 3 ? 0.1488 0.1549 0.1403 -0.0109 0.0088  -0.0009 3   DA  A C8    
55  N N7    . DA  A 3 ? 0.1561 0.1555 0.1477 -0.0086 0.0092  0.0026  3   DA  A N7    
56  C C5    . DA  A 3 ? 0.1474 0.1417 0.1388 -0.0108 0.0121  0.0019  3   DA  A C5    
57  C C6    . DA  A 3 ? 0.1169 0.1049 0.1076 -0.0083 0.0122  0.0030  3   DA  A C6    
58  N N6    . DA  A 3 ? 0.1568 0.1448 0.1503 -0.0056 0.0101  0.0040  3   DA  A N6    
59  N N1    . DA  A 3 ? 0.1478 0.1275 0.1321 -0.0081 0.0149  0.0021  3   DA  A N1    
60  C C2    . DA  A 3 ? 0.1424 0.1184 0.1220 -0.0125 0.0193  0.0003  3   DA  A C2    
61  N N3    . DA  A 3 ? 0.1486 0.1324 0.1319 -0.0177 0.0202  -0.0023 3   DA  A N3    
62  C C4    . DA  A 3 ? 0.1389 0.1331 0.1284 -0.0155 0.0153  -0.0014 3   DA  A C4    
63  P P     . DG  A 4 ? 0.2087 0.2800 0.2382 -0.0266 0.0126  -0.0345 4   DG  A P     
64  O OP1   . DG  A 4 ? 0.2329 0.3305 0.2782 -0.0330 0.0136  -0.0489 4   DG  A OP1   
65  O OP2   . DG  A 4 ? 0.2367 0.3055 0.2620 -0.0139 0.0055  -0.0267 4   DG  A OP2   
66  O "O5'" . DG  A 4 ? 0.1649 0.2143 0.1874 -0.0329 0.0230  -0.0300 4   DG  A "O5'" 
67  C "C5'" . DG  A 4 ? 0.1729 0.2132 0.1923 -0.0448 0.0341  -0.0355 4   DG  A "C5'" 
68  C "C4'" . DG  A 4 ? 0.1748 0.1878 0.1793 -0.0447 0.0416  -0.0285 4   DG  A "C4'" 
69  O "O4'" . DG  A 4 ? 0.1689 0.1674 0.1625 -0.0363 0.0359  -0.0188 4   DG  A "O4'" 
70  C "C3'" . DG  A 4 ? 0.1647 0.1781 0.1714 -0.0405 0.0426  -0.0264 4   DG  A "C3'" 
71  O "O3'" . DG  A 4 ? 0.1914 0.2106 0.2045 -0.0503 0.0536  -0.0358 4   DG  A "O3'" 
72  C "C2'" . DG  A 4 ? 0.1671 0.1523 0.1544 -0.0353 0.0446  -0.0177 4   DG  A "C2'" 
73  C "C1'" . DG  A 4 ? 0.1675 0.1522 0.1529 -0.0301 0.0363  -0.0128 4   DG  A "C1'" 
74  N N9    . DG  A 4 ? 0.1688 0.1620 0.1601 -0.0217 0.0266  -0.0081 4   DG  A N9    
75  C C8    . DG  A 4 ? 0.1418 0.1518 0.1429 -0.0189 0.0199  -0.0089 4   DG  A C8    
76  N N7    . DG  A 4 ? 0.1392 0.1471 0.1394 -0.0120 0.0149  -0.0039 4   DG  A N7    
77  C C5    . DG  A 4 ? 0.1297 0.1238 0.1231 -0.0107 0.0169  -0.0010 4   DG  A C5    
78  C C6    . DG  A 4 ? 0.1299 0.1185 0.1211 -0.0055 0.0134  0.0022  4   DG  A C6    
79  O O6    . DG  A 4 ? 0.1629 0.1544 0.1572 -0.0027 0.0101  0.0038  4   DG  A O6    
80  N N1    . DG  A 4 ? 0.1416 0.1183 0.1244 -0.0035 0.0149  0.0027  4   DG  A N1    
81  C C2    . DG  A 4 ? 0.1650 0.1304 0.1375 -0.0052 0.0206  0.0017  4   DG  A C2    
82  N N2    . DG  A 4 ? 0.1767 0.1277 0.1361 0.0007  0.0206  0.0026  4   DG  A N2    
83  N N3    . DG  A 4 ? 0.1726 0.1392 0.1457 -0.0120 0.0263  -0.0010 4   DG  A N3    
84  C C4    . DG  A 4 ? 0.1343 0.1183 0.1202 -0.0149 0.0234  -0.0030 4   DG  A C4    
85  P P     . DC  A 5 ? 0.2011 0.2432 0.2310 -0.0479 0.0524  -0.0412 5   DC  A P     
86  O OP1   . DC  A 5 ? 0.2287 0.2816 0.2693 -0.0619 0.0654  -0.0548 5   DC  A OP1   
87  O OP2   . DC  A 5 ? 0.2305 0.2943 0.2710 -0.0367 0.0379  -0.0397 5   DC  A OP2   
88  O "O5'" . DC  A 5 ? 0.1858 0.2054 0.2012 -0.0416 0.0550  -0.0323 5   DC  A "O5'" 
89  C "C5'" . DC  A 5 ? 0.2494 0.2414 0.2467 -0.0473 0.0683  -0.0314 5   DC  A "C5'" 
90  C "C4'" . DC  A 5 ? 0.2297 0.1986 0.2084 -0.0364 0.0643  -0.0209 5   DC  A "C4'" 
91  O "O4'" . DC  A 5 ? 0.2018 0.1698 0.1781 -0.0285 0.0521  -0.0141 5   DC  A "O4'" 
92  C "C3'" . DC  A 5 ? 0.2550 0.2325 0.2399 -0.0293 0.0597  -0.0191 5   DC  A "C3'" 
93  O "O3'" . DC  A 5 ? 0.2576 0.2256 0.2367 -0.0343 0.0728  -0.0230 5   DC  A "O3'" 
94  C "C2'" . DC  A 5 ? 0.2275 0.1879 0.1973 -0.0187 0.0511  -0.0100 5   DC  A "C2'" 
95  C "C1'" . DC  A 5 ? 0.2069 0.1711 0.1792 -0.0185 0.0444  -0.0081 5   DC  A "C1'" 
96  N N1    . DC  A 5 ? 0.1929 0.1762 0.1796 -0.0139 0.0333  -0.0066 5   DC  A N1    
97  C C2    . DC  A 5 ? 0.2161 0.1948 0.1994 -0.0064 0.0259  -0.0017 5   DC  A C2    
98  O O2    . DC  A 5 ? 0.2369 0.2002 0.2077 -0.0027 0.0263  0.0004  5   DC  A O2    
99  N N3    . DC  A 5 ? 0.1611 0.1510 0.1530 -0.0032 0.0189  -0.0004 5   DC  A N3    
100 C C4    . DC  A 5 ? 0.1438 0.1486 0.1450 -0.0044 0.0175  -0.0029 5   DC  A C4    
101 N N4    . DC  A 5 ? 0.1594 0.1684 0.1622 0.0008  0.0118  -0.0007 5   DC  A N4    
102 C C5    . DC  A 5 ? 0.1547 0.1696 0.1622 -0.0108 0.0225  -0.0091 5   DC  A C5    
103 C C6    . DC  A 5 ? 0.1688 0.1727 0.1701 -0.0169 0.0313  -0.0111 5   DC  A C6    
104 P P     . DC  A 6 ? 0.2665 0.2525 0.2597 -0.0315 0.0730  -0.0267 6   DC  A P     
105 O OP1   . DC  A 6 ? 0.3171 0.2862 0.2994 -0.0392 0.0904  -0.0311 6   DC  A OP1   
106 O OP2   . DC  A 6 ? 0.2503 0.2715 0.2693 -0.0305 0.0650  -0.0329 6   DC  A OP2   
107 O "O5'" . DC  A 6 ? 0.2465 0.2217 0.2292 -0.0184 0.0617  -0.0171 6   DC  A "O5'" 
108 C "C5'" . DC  A 6 ? 0.2286 0.1742 0.1865 -0.0140 0.0640  -0.0114 6   DC  A "C5'" 
109 C "C4'" . DC  A 6 ? 0.2198 0.1644 0.1750 -0.0035 0.0510  -0.0056 6   DC  A "C4'" 
110 O "O4'" . DC  A 6 ? 0.2377 0.1914 0.2004 -0.0017 0.0408  -0.0033 6   DC  A "O4'" 
111 C "C3'" . DC  A 6 ? 0.2171 0.1773 0.1852 0.0006  0.0473  -0.0067 6   DC  A "C3'" 
112 O "O3'" . DC  A 6 ? 0.2575 0.2053 0.2151 0.0023  0.0544  -0.0073 6   DC  A "O3'" 
113 C "C2'" . DC  A 6 ? 0.2148 0.1744 0.1821 0.0072  0.0350  -0.0020 6   DC  A "C2'" 
114 C "C1'" . DC  A 6 ? 0.2331 0.1964 0.2038 0.0040  0.0317  -0.0014 6   DC  A "C1'" 
115 N N1    . DC  A 6 ? 0.1885 0.1722 0.1755 0.0027  0.0280  -0.0030 6   DC  A N1    
116 C C2    . DC  A 6 ? 0.1474 0.1343 0.1372 0.0076  0.0202  0.0000  6   DC  A C2    
117 O O2    . DC  A 6 ? 0.2094 0.1854 0.1921 0.0106  0.0172  0.0023  6   DC  A O2    
118 N N3    . DC  A 6 ? 0.1568 0.1574 0.1554 0.0090  0.0169  -0.0009 6   DC  A N3    
119 C C4    . DC  A 6 ? 0.1600 0.1761 0.1681 0.0058  0.0192  -0.0059 6   DC  A C4    
120 N N4    . DC  A 6 ? 0.1742 0.2039 0.1885 0.0097  0.0140  -0.0074 6   DC  A N4    
121 C C5    . DC  A 6 ? 0.1789 0.1955 0.1888 -0.0018 0.0277  -0.0106 6   DC  A C5    
122 C C6    . DC  A 6 ? 0.1763 0.1737 0.1736 -0.0030 0.0329  -0.0081 6   DC  A C6    
123 P P     . DC  A 7 ? 0.2549 0.2187 0.2257 0.0047  0.0570  -0.0111 7   DC  A P     
124 O OP1   . DC  A 7 ? 0.3231 0.2698 0.2798 0.0034  0.0687  -0.0126 7   DC  A OP1   
125 O OP2   . DC  A 7 ? 0.2795 0.2723 0.2739 0.0017  0.0564  -0.0170 7   DC  A OP2   
126 O "O5'" . DC  A 7 ? 0.2199 0.1820 0.1886 0.0141  0.0451  -0.0063 7   DC  A "O5'" 
127 C "C5'" . DC  A 7 ? 0.2176 0.1586 0.1679 0.0181  0.0418  -0.0027 7   DC  A "C5'" 
128 C "C4'" . DC  A 7 ? 0.2281 0.1707 0.1807 0.0227  0.0316  -0.0004 7   DC  A "C4'" 
129 O "O4'" . DC  A 7 ? 0.1964 0.1482 0.1579 0.0204  0.0259  0.0007  7   DC  A "O4'" 
130 C "C3'" . DC  A 7 ? 0.2121 0.1628 0.1720 0.0276  0.0317  -0.0011 7   DC  A "C3'" 
131 O "O3'" . DC  A 7 ? 0.2068 0.1447 0.1553 0.0311  0.0348  -0.0015 7   DC  A "O3'" 
132 C "C2'" . DC  A 7 ? 0.1891 0.1391 0.1502 0.0291  0.0239  0.0013  7   DC  A "C2'" 
133 C "C1'" . DC  A 7 ? 0.1825 0.1390 0.1492 0.0238  0.0213  0.0018  7   DC  A "C1'" 
134 N N1    . DC  A 7 ? 0.1667 0.1393 0.1453 0.0238  0.0206  0.0014  7   DC  A N1    
135 C C2    . DC  A 7 ? 0.1574 0.1300 0.1361 0.0270  0.0162  0.0035  7   DC  A C2    
136 O O2    . DC  A 7 ? 0.1686 0.1278 0.1393 0.0278  0.0149  0.0050  7   DC  A O2    
137 N N3    . DC  A 7 ? 0.1408 0.1267 0.1267 0.0292  0.0142  0.0029  7   DC  A N3    
138 C C4    . DC  A 7 ? 0.1346 0.1374 0.1313 0.0266  0.0161  -0.0011 7   DC  A C4    
139 N N4    . DC  A 7 ? 0.1441 0.1620 0.1479 0.0294  0.0126  -0.0033 7   DC  A N4    
140 C C5    . DC  A 7 ? 0.1816 0.1846 0.1803 0.0208  0.0227  -0.0042 7   DC  A C5    
141 C C6    . DC  A 7 ? 0.1927 0.1785 0.1802 0.0204  0.0249  -0.0020 7   DC  A C6    
142 P P     . DC  A 8 ? 0.2474 0.1899 0.1994 0.0381  0.0373  -0.0026 8   DC  A P     
143 O OP1   . DC  A 8 ? 0.2976 0.2237 0.2353 0.0401  0.0420  -0.0034 8   DC  A OP1   
144 O OP2   . DC  A 8 ? 0.2469 0.2126 0.2164 0.0391  0.0401  -0.0060 8   DC  A OP2   
145 O "O5'" . DC  A 8 ? 0.2168 0.1526 0.1653 0.0416  0.0301  0.0001  8   DC  A "O5'" 
146 C "C5'" . DC  A 8 ? 0.2597 0.1950 0.2070 0.0500  0.0305  0.0005  8   DC  A "C5'" 
147 C "C4'" . DC  A 8 ? 0.1948 0.1179 0.1346 0.0505  0.0264  0.0031  8   DC  A "C4'" 
148 O "O4'" . DC  A 8 ? 0.1826 0.1170 0.1313 0.0470  0.0227  0.0044  8   DC  A "O4'" 
149 C "C3'" . DC  A 8 ? 0.3216 0.2360 0.2525 0.0614  0.0278  0.0046  8   DC  A "C3'" 
150 O "O3'" . DC  A 8 ? 0.3466 0.2367 0.2625 0.0587  0.0287  0.0058  8   DC  A "O3'" 
151 C "C2'" . DC  A 8 ? 0.2507 0.1812 0.1899 0.0669  0.0244  0.0055  8   DC  A "C2'" 
152 C "C1'" . DC  A 8 ? 0.1894 0.1239 0.1352 0.0555  0.0215  0.0063  8   DC  A "C1'" 
153 N N1    . DC  A 8 ? 0.1767 0.1333 0.1357 0.0563  0.0184  0.0051  8   DC  A N1    
154 C C2    . DC  A 8 ? 0.1827 0.1389 0.1368 0.0631  0.0151  0.0072  8   DC  A C2    
155 O O2    . DC  A 8 ? 0.2008 0.1345 0.1376 0.0679  0.0165  0.0106  8   DC  A O2    
156 N N3    . DC  A 8 ? 0.1723 0.1501 0.1384 0.0642  0.0112  0.0048  8   DC  A N3    
157 C C4    . DC  A 8 ? 0.1570 0.1553 0.1400 0.0569  0.0123  0.0002  8   DC  A C4    
158 N N4    . DC  A 8 ? 0.1928 0.2122 0.1876 0.0568  0.0091  -0.0038 8   DC  A N4    
159 C C5    . DC  A 8 ? 0.1642 0.1592 0.1500 0.0496  0.0178  -0.0013 8   DC  A C5    
160 C C6    . DC  A 8 ? 0.2027 0.1773 0.1759 0.0505  0.0198  0.0016  8   DC  A C6    
161 O "O5'" . DG  B 1 ? 0.5469 0.4912 0.4092 0.1369  -0.0206 0.0148  1   DG  C "O5'" 
162 C "C5'" . DG  B 1 ? 0.4567 0.3643 0.2845 0.1448  -0.0138 0.0188  1   DG  C "C5'" 
163 C "C4'" . DG  B 1 ? 0.3625 0.2462 0.1833 0.1394  -0.0038 0.0230  1   DG  C "C4'" 
164 O "O4'" . DG  B 1 ? 0.3604 0.2680 0.1976 0.1467  -0.0090 0.0183  1   DG  C "O4'" 
165 C "C3'" . DG  B 1 ? 0.3922 0.2669 0.2263 0.1199  0.0037  0.0272  1   DG  C "C3'" 
166 O "O3'" . DG  B 1 ? 0.3927 0.2349 0.2068 0.1103  0.0142  0.0313  1   DG  C "O3'" 
167 C "C2'" . DG  B 1 ? 0.3490 0.2170 0.1847 0.1195  0.0081  0.0271  1   DG  C "C2'" 
168 C "C1'" . DG  B 1 ? 0.3429 0.2435 0.1915 0.1346  -0.0024 0.0210  1   DG  C "C1'" 
169 N N9    . DG  B 1 ? 0.2904 0.2285 0.1746 0.1274  -0.0077 0.0158  1   DG  C N9    
170 C C8    . DG  B 1 ? 0.2839 0.2592 0.1897 0.1282  -0.0164 0.0085  1   DG  C C8    
171 N N7    . DG  B 1 ? 0.2935 0.2950 0.2289 0.1139  -0.0153 0.0031  1   DG  C N7    
172 C C5    . DG  B 1 ? 0.2743 0.2556 0.2067 0.1050  -0.0072 0.0075  1   DG  C C5    
173 C C6    . DG  B 1 ? 0.2295 0.2203 0.1808 0.0906  -0.0026 0.0051  1   DG  C C6    
174 O O6    . DG  B 1 ? 0.2194 0.2360 0.1933 0.0819  -0.0030 -0.0008 1   DG  C O6    
175 N N1    . DG  B 1 ? 0.2051 0.1692 0.1440 0.0867  0.0038  0.0099  1   DG  C N1    
176 C C2    . DG  B 1 ? 0.2432 0.1745 0.1560 0.0932  0.0074  0.0154  1   DG  C C2    
177 N N2    . DG  B 1 ? 0.2383 0.1488 0.1441 0.0861  0.0140  0.0171  1   DG  C N2    
178 N N3    . DG  B 1 ? 0.2639 0.1813 0.1561 0.1058  0.0056  0.0184  1   DG  C N3    
179 C C4    . DG  B 1 ? 0.2439 0.1884 0.1471 0.1122  -0.0027 0.0145  1   DG  C C4    
180 P P     . DG  B 2 ? 0.3915 0.2355 0.2222 0.0890  0.0195  0.0322  2   DG  C P     
181 O OP1   . DG  B 2 ? 0.4850 0.2936 0.2900 0.0836  0.0314  0.0350  2   DG  C OP1   
182 O OP2   . DG  B 2 ? 0.3670 0.2501 0.2256 0.0851  0.0094  0.0276  2   DG  C OP2   
183 O "O5'" . DG  B 2 ? 0.3818 0.2309 0.2323 0.0746  0.0238  0.0296  2   DG  C "O5'" 
184 C "C5'" . DG  B 2 ? 0.4213 0.2389 0.2529 0.0742  0.0335  0.0312  2   DG  C "C5'" 
185 C "C4'" . DG  B 2 ? 0.3715 0.2031 0.2259 0.0622  0.0338  0.0270  2   DG  C "C4'" 
186 O "O4'" . DG  B 2 ? 0.3118 0.1713 0.1823 0.0712  0.0242  0.0252  2   DG  C "O4'" 
187 C "C3'" . DG  B 2 ? 0.3653 0.2164 0.2455 0.0439  0.0333  0.0227  2   DG  C "C3'" 
188 O "O3'" . DG  B 2 ? 0.4307 0.2595 0.3031 0.0310  0.0443  0.0207  2   DG  C "O3'" 
189 C "C2'" . DG  B 2 ? 0.2897 0.1595 0.1885 0.0413  0.0287  0.0193  2   DG  C "C2'" 
190 C "C1'" . DG  B 2 ? 0.2589 0.1388 0.1546 0.0581  0.0225  0.0212  2   DG  C "C1'" 
191 N N9    . DG  B 2 ? 0.2302 0.1428 0.1471 0.0587  0.0144  0.0187  2   DG  C N9    
192 C C8    . DG  B 2 ? 0.2703 0.1970 0.1888 0.0654  0.0089  0.0185  2   DG  C C8    
193 N N7    . DG  B 2 ? 0.2537 0.2090 0.1939 0.0612  0.0043  0.0143  2   DG  C N7    
194 C C5    . DG  B 2 ? 0.1913 0.1483 0.1417 0.0526  0.0072  0.0129  2   DG  C C5    
195 C C6    . DG  B 2 ? 0.1734 0.1494 0.1417 0.0454  0.0067  0.0090  2   DG  C C6    
196 O O6    . DG  B 2 ? 0.1720 0.1684 0.1532 0.0432  0.0046  0.0052  2   DG  C O6    
197 N N1    . DG  B 2 ? 0.1598 0.1265 0.1275 0.0404  0.0100  0.0089  2   DG  C N1    
198 C C2    . DG  B 2 ? 0.1935 0.1388 0.1484 0.0406  0.0130  0.0109  2   DG  C C2    
199 N N2    . DG  B 2 ? 0.2135 0.1541 0.1694 0.0358  0.0146  0.0092  2   DG  C N2    
200 N N3    . DG  B 2 ? 0.2128 0.1403 0.1527 0.0450  0.0150  0.0137  2   DG  C N3    
201 C C4    . DG  B 2 ? 0.2192 0.1522 0.1563 0.0515  0.0123  0.0152  2   DG  C C4    
202 P P     . DA  B 3 ? 0.4214 0.2672 0.3166 0.0140  0.0454  0.0151  3   DA  C P     
203 O OP1   . DA  B 3 ? 0.5691 0.3890 0.4528 0.0023  0.0593  0.0115  3   DA  C OP1   
204 O OP2   . DA  B 3 ? 0.3959 0.2633 0.3020 0.0169  0.0378  0.0169  3   DA  C OP2   
205 O "O5'" . DA  B 3 ? 0.3532 0.2200 0.2701 0.0086  0.0393  0.0097  3   DA  C "O5'" 
206 C "C5'" . DA  B 3 ? 0.2695 0.1623 0.2087 0.0028  0.0328  0.0061  3   DA  C "C5'" 
207 C "C4'" . DA  B 3 ? 0.2528 0.1564 0.2022 0.0019  0.0278  0.0022  3   DA  C "C4'" 
208 O "O4'" . DA  B 3 ? 0.2613 0.1677 0.2062 0.0127  0.0237  0.0068  3   DA  C "O4'" 
209 C "C3'" . DA  B 3 ? 0.2416 0.1675 0.2085 -0.0017 0.0211  -0.0016 3   DA  C "C3'" 
210 O "O3'" . DA  B 3 ? 0.2296 0.1586 0.2052 -0.0112 0.0231  -0.0097 3   DA  C "O3'" 
211 C "C2'" . DA  B 3 ? 0.2155 0.1457 0.1825 0.0036  0.0164  -0.0015 3   DA  C "C2'" 
212 C "C1'" . DA  B 3 ? 0.2189 0.1425 0.1760 0.0125  0.0177  0.0047  3   DA  C "C1'" 
213 N N9    . DA  B 3 ? 0.2093 0.1478 0.1727 0.0166  0.0141  0.0077  3   DA  C N9    
214 C C8    . DA  B 3 ? 0.1877 0.1281 0.1482 0.0206  0.0139  0.0106  3   DA  C C8    
215 N N7    . DA  B 3 ? 0.1946 0.1517 0.1638 0.0222  0.0104  0.0105  3   DA  C N7    
216 C C5    . DA  B 3 ? 0.1497 0.1125 0.1254 0.0190  0.0098  0.0082  3   DA  C C5    
217 C C6    . DA  B 3 ? 0.1560 0.1303 0.1389 0.0174  0.0094  0.0067  3   DA  C C6    
218 N N6    . DA  B 3 ? 0.1825 0.1697 0.1718 0.0172  0.0090  0.0056  3   DA  C N6    
219 N N1    . DA  B 3 ? 0.1470 0.1172 0.1281 0.0157  0.0104  0.0053  3   DA  C N1    
220 C C2    . DA  B 3 ? 0.1410 0.1009 0.1165 0.0159  0.0097  0.0045  3   DA  C C2    
221 N N3    . DA  B 3 ? 0.1611 0.1128 0.1333 0.0155  0.0100  0.0042  3   DA  C N3    
222 C C4    . DA  B 3 ? 0.1714 0.1231 0.1429 0.0168  0.0111  0.0067  3   DA  C C4    
223 P P     . DG  B 4 ? 0.2429 0.1907 0.2335 -0.0146 0.0195  -0.0136 4   DG  C P     
224 O OP1   . DG  B 4 ? 0.3034 0.2556 0.3041 -0.0243 0.0230  -0.0247 4   DG  C OP1   
225 O OP2   . DG  B 4 ? 0.2476 0.1948 0.2350 -0.0121 0.0209  -0.0069 4   DG  C OP2   
226 O "O5'" . DG  B 4 ? 0.2172 0.1775 0.2116 -0.0076 0.0102  -0.0133 4   DG  C "O5'" 
227 C "C5'" . DG  B 4 ? 0.2281 0.1908 0.2232 -0.0065 0.0059  -0.0193 4   DG  C "C5'" 
228 C "C4'" . DG  B 4 ? 0.1936 0.1606 0.1845 0.0017  -0.0004 -0.0166 4   DG  C "C4'" 
229 O "O4'" . DG  B 4 ? 0.1885 0.1481 0.1714 0.0056  0.0023  -0.0084 4   DG  C "O4'" 
230 C "C3'" . DG  B 4 ? 0.2036 0.1801 0.1990 0.0040  -0.0034 -0.0163 4   DG  C "C3'" 
231 O "O3'" . DG  B 4 ? 0.1990 0.1863 0.2010 0.0055  -0.0092 -0.0254 4   DG  C "O3'" 
232 C "C2'" . DG  B 4 ? 0.1732 0.1433 0.1574 0.0105  -0.0042 -0.0105 4   DG  C "C2'" 
233 C "C1'" . DG  B 4 ? 0.1979 0.1613 0.1792 0.0091  0.0007  -0.0054 4   DG  C "C1'" 
234 N N9    . DG  B 4 ? 0.1797 0.1459 0.1639 0.0075  0.0039  -0.0007 4   DG  C N9    
235 C C8    . DG  B 4 ? 0.1940 0.1591 0.1801 0.0050  0.0066  0.0009  4   DG  C C8    
236 N N7    . DG  B 4 ? 0.1851 0.1544 0.1719 0.0059  0.0073  0.0043  4   DG  C N7    
237 C C5    . DG  B 4 ? 0.1308 0.1046 0.1181 0.0068  0.0067  0.0042  4   DG  C C5    
238 C C6    . DG  B 4 ? 0.1576 0.1380 0.1471 0.0060  0.0081  0.0050  4   DG  C C6    
239 O O6    . DG  B 4 ? 0.1693 0.1560 0.1616 0.0059  0.0081  0.0057  4   DG  C O6    
240 N N1    . DG  B 4 ? 0.1616 0.1391 0.1474 0.0054  0.0103  0.0040  4   DG  C N1    
241 C C2    . DG  B 4 ? 0.1663 0.1343 0.1441 0.0081  0.0097  0.0032  4   DG  C C2    
242 N N2    . DG  B 4 ? 0.2101 0.1697 0.1785 0.0083  0.0138  0.0030  4   DG  C N2    
243 N N3    . DG  B 4 ? 0.1835 0.1489 0.1604 0.0103  0.0060  0.0019  4   DG  C N3    
244 C C4    . DG  B 4 ? 0.1602 0.1296 0.1437 0.0083  0.0052  0.0020  4   DG  C C4    
245 P P     . DC  B 5 ? 0.1904 0.1913 0.2035 0.0049  -0.0104 -0.0295 5   DC  C P     
246 O OP1   . DC  B 5 ? 0.2410 0.2574 0.2649 0.0059  -0.0164 -0.0428 5   DC  C OP1   
247 O OP2   . DC  B 5 ? 0.2019 0.2002 0.2195 -0.0026 -0.0028 -0.0250 5   DC  C OP2   
248 O "O5'" . DC  B 5 ? 0.1797 0.1757 0.1811 0.0145  -0.0137 -0.0238 5   DC  C "O5'" 
249 C "C5'" . DC  B 5 ? 0.1957 0.1874 0.1847 0.0249  -0.0201 -0.0259 5   DC  C "C5'" 
250 C "C4'" . DC  B 5 ? 0.2188 0.1955 0.1905 0.0308  -0.0175 -0.0180 5   DC  C "C4'" 
251 O "O4'" . DC  B 5 ? 0.1909 0.1583 0.1595 0.0244  -0.0100 -0.0106 5   DC  C "O4'" 
252 C "C3'" . DC  B 5 ? 0.1965 0.1760 0.1707 0.0313  -0.0159 -0.0165 5   DC  C "C3'" 
253 O "O3'" . DC  B 5 ? 0.2115 0.1951 0.1808 0.0429  -0.0231 -0.0225 5   DC  C "O3'" 
254 C "C2'" . DC  B 5 ? 0.2270 0.1886 0.1859 0.0302  -0.0087 -0.0084 5   DC  C "C2'" 
255 C "C1'" . DC  B 5 ? 0.1948 0.1561 0.1582 0.0231  -0.0049 -0.0055 5   DC  C "C1'" 
256 N N1    . DC  B 5 ? 0.1650 0.1342 0.1413 0.0142  -0.0009 -0.0030 5   DC  C N1    
257 C C2    . DC  B 5 ? 0.1865 0.1525 0.1603 0.0107  0.0045  0.0007  5   DC  C C2    
258 O O2    . DC  B 5 ? 0.2319 0.1864 0.1931 0.0127  0.0081  0.0017  5   DC  C O2    
259 N N3    . DC  B 5 ? 0.1560 0.1300 0.1392 0.0053  0.0063  0.0021  5   DC  C N3    
260 C C4    . DC  B 5 ? 0.1402 0.1195 0.1310 0.0036  0.0046  0.0015  5   DC  C C4    
261 N N4    . DC  B 5 ? 0.1628 0.1455 0.1567 0.0009  0.0064  0.0036  5   DC  C N4    
262 C C5    . DC  B 5 ? 0.1381 0.1182 0.1316 0.0048  0.0017  -0.0022 5   DC  C C5    
263 C C6    . DC  B 5 ? 0.1576 0.1354 0.1457 0.0100  -0.0018 -0.0051 5   DC  C C6    
264 P P     . DC  B 6 ? 0.2409 0.2380 0.2219 0.0445  -0.0243 -0.0267 6   DC  C P     
265 O OP1   . DC  B 6 ? 0.2930 0.2945 0.2657 0.0610  -0.0339 -0.0340 6   DC  C OP1   
266 O OP2   . DC  B 6 ? 0.2368 0.2511 0.2415 0.0319  -0.0211 -0.0305 6   DC  C OP2   
267 O "O5'" . DC  B 6 ? 0.2449 0.2248 0.2134 0.0420  -0.0162 -0.0172 6   DC  C "O5'" 
268 C "C5'" . DC  B 6 ? 0.2472 0.2040 0.1895 0.0509  -0.0141 -0.0127 6   DC  C "C5'" 
269 C "C4'" . DC  B 6 ? 0.2267 0.1705 0.1632 0.0420  -0.0040 -0.0060 6   DC  C "C4'" 
270 O "O4'" . DC  B 6 ? 0.2087 0.1561 0.1548 0.0299  0.0007  -0.0028 6   DC  C "O4'" 
271 C "C3'" . DC  B 6 ? 0.2453 0.1996 0.1945 0.0378  -0.0026 -0.0068 6   DC  C "C3'" 
272 O "O3'" . DC  B 6 ? 0.2779 0.2225 0.2127 0.0492  -0.0036 -0.0079 6   DC  C "O3'" 
273 C "C2'" . DC  B 6 ? 0.2272 0.1751 0.1764 0.0255  0.0060  -0.0017 6   DC  C "C2'" 
274 C "C1'" . DC  B 6 ? 0.2035 0.1558 0.1588 0.0205  0.0056  -0.0008 6   DC  C "C1'" 
275 N N1    . DC  B 6 ? 0.1664 0.1363 0.1413 0.0140  0.0034  -0.0019 6   DC  C N1    
276 C C2    . DC  B 6 ? 0.1720 0.1457 0.1531 0.0059  0.0073  0.0005  6   DC  C C2    
277 O O2    . DC  B 6 ? 0.1951 0.1623 0.1696 0.0030  0.0117  0.0019  6   DC  C O2    
278 N N3    . DC  B 6 ? 0.1440 0.1266 0.1357 0.0020  0.0064  0.0003  6   DC  C N3    
279 C C4    . DC  B 6 ? 0.1409 0.1285 0.1394 0.0030  0.0037  -0.0029 6   DC  C C4    
280 N N4    . DC  B 6 ? 0.1533 0.1435 0.1576 -0.0016 0.0058  -0.0028 6   DC  C N4    
281 C C5    . DC  B 6 ? 0.1508 0.1399 0.1481 0.0092  -0.0008 -0.0073 6   DC  C C5    
282 C C6    . DC  B 6 ? 0.1796 0.1597 0.1641 0.0160  -0.0018 -0.0063 6   DC  C C6    
283 P P     . DC  B 7 ? 0.2690 0.2312 0.2186 0.0524  -0.0068 -0.0132 7   DC  C P     
284 O OP1   . DC  B 7 ? 0.3366 0.2881 0.2671 0.0706  -0.0110 -0.0156 7   DC  C OP1   
285 O OP2   . DC  B 7 ? 0.2845 0.2736 0.2616 0.0457  -0.0107 -0.0192 7   DC  C OP2   
286 O "O5'" . DC  B 7 ? 0.2180 0.1735 0.1681 0.0411  0.0021  -0.0084 7   DC  C "O5'" 
287 C "C5'" . DC  B 7 ? 0.2737 0.2040 0.2008 0.0420  0.0092  -0.0040 7   DC  C "C5'" 
288 C "C4'" . DC  B 7 ? 0.2291 0.1589 0.1620 0.0268  0.0166  -0.0012 7   DC  C "C4'" 
289 O "O4'" . DC  B 7 ? 0.1968 0.1367 0.1417 0.0177  0.0161  -0.0001 7   DC  C "O4'" 
290 C "C3'" . DC  B 7 ? 0.2196 0.1642 0.1678 0.0220  0.0165  -0.0028 7   DC  C "C3'" 
291 O "O3'" . DC  B 7 ? 0.2351 0.1682 0.1714 0.0277  0.0196  -0.0033 7   DC  C "O3'" 
292 C "C2'" . DC  B 7 ? 0.1786 0.1253 0.1320 0.0085  0.0206  -0.0006 7   DC  C "C2'" 
293 C "C1'" . DC  B 7 ? 0.1922 0.1426 0.1493 0.0074  0.0181  0.0003  7   DC  C "C1'" 
294 N N1    . DC  B 7 ? 0.1600 0.1277 0.1342 0.0053  0.0136  -0.0006 7   DC  C N1    
295 C C2    . DC  B 7 ? 0.1445 0.1189 0.1258 -0.0024 0.0147  0.0008  7   DC  C C2    
296 O O2    . DC  B 7 ? 0.1912 0.1623 0.1679 -0.0072 0.0179  0.0011  7   DC  C O2    
297 N N3    . DC  B 7 ? 0.1307 0.1138 0.1215 -0.0037 0.0127  0.0007  7   DC  C N3    
298 C C4    . DC  B 7 ? 0.1170 0.1051 0.1143 -0.0005 0.0101  -0.0020 7   DC  C C4    
299 N N4    . DC  B 7 ? 0.1446 0.1374 0.1492 -0.0041 0.0107  -0.0028 7   DC  C N4    
300 C C5    . DC  B 7 ? 0.1344 0.1221 0.1292 0.0070  0.0071  -0.0051 7   DC  C C5    
301 C C6    . DC  B 7 ? 0.1818 0.1576 0.1630 0.0112  0.0086  -0.0036 7   DC  C C6    
302 P P     . DC  B 8 ? 0.2358 0.1837 0.1857 0.0285  0.0189  -0.0066 8   DC  C P     
303 O OP1   . DC  B 8 ? 0.2982 0.2297 0.2305 0.0380  0.0221  -0.0070 8   DC  C OP1   
304 O OP2   . DC  B 8 ? 0.2613 0.2328 0.2322 0.0308  0.0128  -0.0113 8   DC  C OP2   
305 O "O5'" . DC  B 8 ? 0.2075 0.1587 0.1643 0.0140  0.0235  -0.0044 8   DC  C "O5'" 
306 C "C5'" . DC  B 8 ? 0.2041 0.1398 0.1471 0.0078  0.0297  -0.0029 8   DC  C "C5'" 
307 C "C4'" . DC  B 8 ? 0.1872 0.1324 0.1391 -0.0027 0.0306  -0.0028 8   DC  C "C4'" 
308 O "O4'" . DC  B 8 ? 0.2066 0.1623 0.1680 -0.0072 0.0270  -0.0017 8   DC  C "O4'" 
309 C "C3'" . DC  B 8 ? 0.1824 0.1383 0.1443 -0.0018 0.0303  -0.0039 8   DC  C "C3'" 
310 O "O3'" . DC  B 8 ? 0.2080 0.1550 0.1612 0.0000  0.0348  -0.0052 8   DC  C "O3'" 
311 C "C2'" . DC  B 8 ? 0.1822 0.1448 0.1488 -0.0096 0.0295  -0.0027 8   DC  C "C2'" 
312 C "C1'" . DC  B 8 ? 0.1815 0.1473 0.1510 -0.0107 0.0259  -0.0014 8   DC  C "C1'" 
313 N N1    . DC  B 8 ? 0.1612 0.1361 0.1414 -0.0086 0.0229  -0.0010 8   DC  C N1    
314 C C2    . DC  B 8 ? 0.1843 0.1633 0.1677 -0.0119 0.0227  0.0003  8   DC  C C2    
315 O O2    . DC  B 8 ? 0.2170 0.1935 0.1938 -0.0145 0.0233  0.0011  8   DC  C O2    
316 N N3    . DC  B 8 ? 0.1459 0.1294 0.1369 -0.0114 0.0220  0.0000  8   DC  C N3    
317 C C4    . DC  B 8 ? 0.1736 0.1621 0.1719 -0.0080 0.0200  -0.0027 8   DC  C C4    
318 N N4    . DC  B 8 ? 0.1616 0.1551 0.1680 -0.0093 0.0198  -0.0045 8   DC  C N4    
319 C C5    . DC  B 8 ? 0.1411 0.1276 0.1360 -0.0023 0.0182  -0.0040 8   DC  C C5    
320 C C6    . DC  B 8 ? 0.1621 0.1396 0.1465 -0.0028 0.0205  -0.0026 8   DC  C C6    
321 O O     . HOH C . ? 0.4115 0.2741 0.3118 0.0481  0.0312  0.0007  101 HOH A O     
322 O O     . HOH C . ? 0.3511 0.3796 0.3564 -0.0019 0.0047  -0.0053 102 HOH A O     
323 O O     . HOH C . ? 0.4262 0.3853 0.3007 0.0650  -0.0170 0.0101  103 HOH A O     
324 O O     . HOH C . ? 0.2873 0.2850 0.2807 0.0026  0.0061  0.0059  104 HOH A O     
325 O O     . HOH C . ? 0.3191 0.3590 0.3332 0.0059  0.0052  -0.0081 105 HOH A O     
326 O O     . HOH C . ? 0.3056 0.2980 0.2791 -0.0193 0.0145  -0.0042 106 HOH A O     
327 O O     . HOH C . ? 0.3421 0.3805 0.3680 0.0042  0.0415  -0.0226 107 HOH A O     
328 O O     . HOH C . ? 0.4579 0.4564 0.4536 0.0254  0.0546  -0.0176 108 HOH A O     
329 O O     . HOH C . ? 0.2707 0.3340 0.3008 0.0416  0.0179  -0.0198 109 HOH A O     
330 O O     . HOH C . ? 0.3536 0.2723 0.2832 0.0052  0.0348  0.0024  110 HOH A O     
331 O O     . HOH C . ? 0.2854 0.3521 0.3187 -0.0136 0.0141  -0.0260 111 HOH A O     
332 O O     . HOH C . ? 0.2533 0.3288 0.2940 0.0035  0.0144  -0.0251 112 HOH A O     
333 O O     . HOH C . ? 0.2440 0.3075 0.2788 0.0204  0.0193  -0.0205 113 HOH A O     
334 O O     . HOH C . ? 0.2944 0.2831 0.2839 -0.0023 0.0087  0.0074  114 HOH A O     
335 O O     . HOH C . ? 0.2010 0.1609 0.1661 -0.0303 0.0380  -0.0096 115 HOH A O     
336 O O     . HOH C . ? 0.2528 0.2083 0.1952 -0.0147 0.0304  0.0043  116 HOH A O     
337 O O     . HOH C . ? 0.3511 0.2714 0.2805 0.0231  0.0222  0.0010  117 HOH A O     
338 O O     . HOH C . ? 0.2236 0.1651 0.1776 -0.0452 0.0592  -0.0184 118 HOH A O     
339 O O     . HOH C . ? 0.4330 0.3154 0.3328 -0.0044 0.0632  -0.0011 119 HOH A O     
340 O O     . HOH D . ? 0.3815 0.2936 0.3120 0.0274  0.0203  0.0176  101 HOH C O     
341 O O     . HOH D . ? 0.4770 0.3922 0.3849 0.0520  0.0116  0.0221  102 HOH C O     
342 O O     . HOH D . ? 0.3853 0.3554 0.3534 0.0274  0.0063  0.0121  103 HOH C O     
343 O O     . HOH D . ? 0.3333 0.3131 0.3187 0.0086  0.0074  0.0091  104 HOH C O     
344 O O     . HOH D . ? 0.3538 0.3597 0.3472 0.0517  0.0019  -0.0272 105 HOH C O     
345 O O     . HOH D . ? 0.4570 0.3296 0.3361 0.0402  0.0353  -0.0010 106 HOH C O     
346 O O     . HOH D . ? 0.2564 0.2567 0.2587 0.0195  0.0078  -0.0155 107 HOH C O     
347 O O     . HOH D . ? 0.3357 0.2717 0.2763 0.0247  0.0328  -0.0083 108 HOH C O     
348 O O     . HOH D . ? 0.4504 0.4417 0.4075 0.0589  -0.0050 0.0088  109 HOH C O     
349 O O     . HOH D . ? 0.2338 0.2477 0.2586 0.0009  0.0132  -0.0172 110 HOH C O     
350 O O     . HOH D . ? 0.3903 0.3447 0.3677 0.0040  0.0138  0.0073  111 HOH C O     
351 O O     . HOH D . ? 0.2604 0.2359 0.2550 -0.0028 0.0102  0.0033  112 HOH C O     
352 O O     . HOH D . ? 0.2807 0.2638 0.2775 -0.0060 0.0115  0.0042  113 HOH C O     
353 O O     . HOH D . ? 0.3065 0.3185 0.3326 -0.0021 0.0072  -0.0169 114 HOH C O     
354 O O     . HOH D . ? 0.3155 0.3173 0.3359 -0.0042 0.0033  -0.0165 115 HOH C O     
355 O O     . HOH D . ? 0.2605 0.2129 0.2164 -0.0094 0.0409  -0.0058 116 HOH C O     
356 O O     . HOH D . ? 0.2610 0.2748 0.2581 0.0239  0.0036  0.0021  117 HOH C O     
357 O O     . HOH D . ? 0.3037 0.2810 0.3085 -0.0079 0.0094  -0.0088 118 HOH C O     
358 O O     . HOH D . ? 0.3195 0.2607 0.2686 0.0191  0.0088  0.0007  119 HOH C O     
359 O O     . HOH D . ? 0.3850 0.4017 0.3992 0.0237  -0.0099 -0.0250 120 HOH C O     
360 O O     . HOH D . ? 0.2622 0.1443 0.1937 0.0117  0.0284  0.0000  121 HOH C O     
361 O O     . HOH D . ? 0.3889 0.2487 0.3174 -0.0109 0.0433  -0.0107 122 HOH C O     
# 
loop_
_pdbx_poly_seq_scheme.asym_id 
_pdbx_poly_seq_scheme.entity_id 
_pdbx_poly_seq_scheme.seq_id 
_pdbx_poly_seq_scheme.mon_id 
_pdbx_poly_seq_scheme.ndb_seq_num 
_pdbx_poly_seq_scheme.pdb_seq_num 
_pdbx_poly_seq_scheme.auth_seq_num 
_pdbx_poly_seq_scheme.pdb_mon_id 
_pdbx_poly_seq_scheme.auth_mon_id 
_pdbx_poly_seq_scheme.pdb_strand_id 
_pdbx_poly_seq_scheme.pdb_ins_code 
_pdbx_poly_seq_scheme.hetero 
A 1 1 DG 1 1 1 DG DG A . n 
A 1 2 DG 2 2 2 DG DG A . n 
A 1 3 DA 3 3 3 DA DA A . n 
A 1 4 DG 4 4 4 DG DG A . n 
A 1 5 DC 5 5 5 DC DC A . n 
A 1 6 DC 6 6 6 DC DC A . n 
A 1 7 DC 7 7 7 DC DC A . n 
A 1 8 DC 8 8 8 DC DC A . n 
B 1 1 DG 1 1 1 DG DG C . n 
B 1 2 DG 2 2 2 DG DG C . n 
B 1 3 DA 3 3 3 DA DA C . n 
B 1 4 DG 4 4 4 DG DG C . n 
B 1 5 DC 5 5 5 DC DC C . n 
B 1 6 DC 6 6 6 DC DC C . n 
B 1 7 DC 7 7 7 DC DC C . n 
B 1 8 DC 8 8 8 DC DC C . n 
# 
loop_
_pdbx_nonpoly_scheme.asym_id 
_pdbx_nonpoly_scheme.entity_id 
_pdbx_nonpoly_scheme.mon_id 
_pdbx_nonpoly_scheme.ndb_seq_num 
_pdbx_nonpoly_scheme.pdb_seq_num 
_pdbx_nonpoly_scheme.auth_seq_num 
_pdbx_nonpoly_scheme.pdb_mon_id 
_pdbx_nonpoly_scheme.auth_mon_id 
_pdbx_nonpoly_scheme.pdb_strand_id 
_pdbx_nonpoly_scheme.pdb_ins_code 
C 2 HOH 1  101 13 HOH HOH A . 
C 2 HOH 2  102 35 HOH HOH A . 
C 2 HOH 3  103 30 HOH HOH A . 
C 2 HOH 4  104 17 HOH HOH A . 
C 2 HOH 5  105 24 HOH HOH A . 
C 2 HOH 6  106 7  HOH HOH A . 
C 2 HOH 7  107 29 HOH HOH A . 
C 2 HOH 8  108 36 HOH HOH A . 
C 2 HOH 9  109 10 HOH HOH A . 
C 2 HOH 10 110 18 HOH HOH A . 
C 2 HOH 11 111 20 HOH HOH A . 
C 2 HOH 12 112 21 HOH HOH A . 
C 2 HOH 13 113 19 HOH HOH A . 
C 2 HOH 14 114 32 HOH HOH A . 
C 2 HOH 15 115 1  HOH HOH A . 
C 2 HOH 16 116 4  HOH HOH A . 
C 2 HOH 17 117 14 HOH HOH A . 
C 2 HOH 18 118 2  HOH HOH A . 
C 2 HOH 19 119 25 HOH HOH A . 
D 2 HOH 1  101 22 HOH HOH C . 
D 2 HOH 2  102 34 HOH HOH C . 
D 2 HOH 3  103 39 HOH HOH C . 
D 2 HOH 4  104 37 HOH HOH C . 
D 2 HOH 5  105 31 HOH HOH C . 
D 2 HOH 6  106 41 HOH HOH C . 
D 2 HOH 7  107 5  HOH HOH C . 
D 2 HOH 8  108 9  HOH HOH C . 
D 2 HOH 9  109 26 HOH HOH C . 
D 2 HOH 10 110 8  HOH HOH C . 
D 2 HOH 11 111 40 HOH HOH C . 
D 2 HOH 12 112 15 HOH HOH C . 
D 2 HOH 13 113 11 HOH HOH C . 
D 2 HOH 14 114 23 HOH HOH C . 
D 2 HOH 15 115 33 HOH HOH C . 
D 2 HOH 16 116 6  HOH HOH C . 
D 2 HOH 17 117 27 HOH HOH C . 
D 2 HOH 18 118 12 HOH HOH C . 
D 2 HOH 19 119 16 HOH HOH C . 
D 2 HOH 20 120 38 HOH HOH C . 
D 2 HOH 21 121 3  HOH HOH C . 
D 2 HOH 22 122 28 HOH HOH C . 
# 
_pdbx_struct_assembly.id                   1 
_pdbx_struct_assembly.details              author_and_software_defined_assembly 
_pdbx_struct_assembly.method_details       PISA 
_pdbx_struct_assembly.oligomeric_details   dimeric 
_pdbx_struct_assembly.oligomeric_count     2 
# 
_pdbx_struct_assembly_gen.assembly_id       1 
_pdbx_struct_assembly_gen.oper_expression   1 
_pdbx_struct_assembly_gen.asym_id_list      A,B,C,D 
# 
loop_
_pdbx_struct_assembly_prop.biol_id 
_pdbx_struct_assembly_prop.type 
_pdbx_struct_assembly_prop.value 
_pdbx_struct_assembly_prop.details 
1 'ABSA (A^2)' 750  ? 
1 MORE         -5   ? 
1 'SSA (A^2)'  3060 ? 
# 
_pdbx_struct_oper_list.id                   1 
_pdbx_struct_oper_list.type                 'identity operation' 
_pdbx_struct_oper_list.name                 1_555 
_pdbx_struct_oper_list.symmetry_operation   x,y,z 
_pdbx_struct_oper_list.matrix[1][1]         1.0000000000 
_pdbx_struct_oper_list.matrix[1][2]         0.0000000000 
_pdbx_struct_oper_list.matrix[1][3]         0.0000000000 
_pdbx_struct_oper_list.vector[1]            0.0000000000 
_pdbx_struct_oper_list.matrix[2][1]         0.0000000000 
_pdbx_struct_oper_list.matrix[2][2]         1.0000000000 
_pdbx_struct_oper_list.matrix[2][3]         0.0000000000 
_pdbx_struct_oper_list.vector[2]            0.0000000000 
_pdbx_struct_oper_list.matrix[3][1]         0.0000000000 
_pdbx_struct_oper_list.matrix[3][2]         0.0000000000 
_pdbx_struct_oper_list.matrix[3][3]         1.0000000000 
_pdbx_struct_oper_list.vector[3]            0.0000000000 
# 
loop_
_pdbx_audit_revision_history.ordinal 
_pdbx_audit_revision_history.data_content_type 
_pdbx_audit_revision_history.major_revision 
_pdbx_audit_revision_history.minor_revision 
_pdbx_audit_revision_history.revision_date 
1 'Structure model' 1 0 2017-12-06 
2 'Structure model' 1 1 2023-11-22 
# 
_pdbx_audit_revision_details.ordinal             1 
_pdbx_audit_revision_details.revision_ordinal    1 
_pdbx_audit_revision_details.data_content_type   'Structure model' 
_pdbx_audit_revision_details.provider            repository 
_pdbx_audit_revision_details.type                'Initial release' 
_pdbx_audit_revision_details.description         ? 
_pdbx_audit_revision_details.details             ? 
# 
loop_
_pdbx_audit_revision_group.ordinal 
_pdbx_audit_revision_group.revision_ordinal 
_pdbx_audit_revision_group.data_content_type 
_pdbx_audit_revision_group.group 
1 2 'Structure model' 'Data collection'        
2 2 'Structure model' 'Database references'    
3 2 'Structure model' 'Refinement description' 
# 
loop_
_pdbx_audit_revision_category.ordinal 
_pdbx_audit_revision_category.revision_ordinal 
_pdbx_audit_revision_category.data_content_type 
_pdbx_audit_revision_category.category 
1 2 'Structure model' chem_comp_atom                
2 2 'Structure model' chem_comp_bond                
3 2 'Structure model' database_2                    
4 2 'Structure model' pdbx_initial_refinement_model 
# 
loop_
_pdbx_audit_revision_item.ordinal 
_pdbx_audit_revision_item.revision_ordinal 
_pdbx_audit_revision_item.data_content_type 
_pdbx_audit_revision_item.item 
1 2 'Structure model' '_database_2.pdbx_DOI'                
2 2 'Structure model' '_database_2.pdbx_database_accession' 
# 
_pdbx_refine_tls.pdbx_refine_id   'X-RAY DIFFRACTION' 
_pdbx_refine_tls.id               1 
_pdbx_refine_tls.details          ? 
_pdbx_refine_tls.method           refined 
_pdbx_refine_tls.origin_x         0.0159 
_pdbx_refine_tls.origin_y         -0.0275 
_pdbx_refine_tls.origin_z         0.0294 
_pdbx_refine_tls.T[1][1]          0.1044 
_pdbx_refine_tls.T[2][2]          0.0942 
_pdbx_refine_tls.T[3][3]          0.0985 
_pdbx_refine_tls.T[1][2]          0.0023 
_pdbx_refine_tls.T[1][3]          0.0077 
_pdbx_refine_tls.T[2][3]          0.0057 
_pdbx_refine_tls.L[1][1]          0.6459 
_pdbx_refine_tls.L[2][2]          2.0979 
_pdbx_refine_tls.L[3][3]          2.8848 
_pdbx_refine_tls.L[1][2]          -0.6518 
_pdbx_refine_tls.L[1][3]          -0.9818 
_pdbx_refine_tls.L[2][3]          1.4544 
_pdbx_refine_tls.S[1][1]          -0.0216 
_pdbx_refine_tls.S[1][2]          0.0587 
_pdbx_refine_tls.S[1][3]          0.0299 
_pdbx_refine_tls.S[2][1]          0.0145 
_pdbx_refine_tls.S[2][2]          0.0005 
_pdbx_refine_tls.S[2][3]          0.0281 
_pdbx_refine_tls.S[3][1]          -0.0637 
_pdbx_refine_tls.S[3][2]          -0.1372 
_pdbx_refine_tls.S[3][3]          0.0229 
# 
_pdbx_refine_tls_group.pdbx_refine_id      'X-RAY DIFFRACTION' 
_pdbx_refine_tls_group.id                  1 
_pdbx_refine_tls_group.refine_tls_id       1 
_pdbx_refine_tls_group.beg_auth_asym_id    ? 
_pdbx_refine_tls_group.beg_auth_seq_id     ? 
_pdbx_refine_tls_group.beg_label_asym_id   ? 
_pdbx_refine_tls_group.beg_label_seq_id    ? 
_pdbx_refine_tls_group.end_auth_asym_id    ? 
_pdbx_refine_tls_group.end_auth_seq_id     ? 
_pdbx_refine_tls_group.end_label_asym_id   ? 
_pdbx_refine_tls_group.end_label_seq_id    ? 
_pdbx_refine_tls_group.selection           ? 
_pdbx_refine_tls_group.selection_details   all 
# 
loop_
_software.citation_id 
_software.classification 
_software.compiler_name 
_software.compiler_version 
_software.contact_author 
_software.contact_author_email 
_software.date 
_software.description 
_software.dependencies 
_software.hardware 
_software.language 
_software.location 
_software.mods 
_software.name 
_software.os 
_software.os_version 
_software.type 
_software.version 
_software.pdbx_ordinal 
? refinement       ? ? ? ? ? ? ? ? ? ? ? PHENIX   ? ? ? '(1.10.1_2155: ???)' 1 
? 'data reduction' ? ? ? ? ? ? ? ? ? ? ? HKL-3000 ? ? ? .                    2 
? 'data scaling'   ? ? ? ? ? ? ? ? ? ? ? HKL-3000 ? ? ? .                    3 
? phasing          ? ? ? ? ? ? ? ? ? ? ? PHASER   ? ? ? .                    4 
# 
loop_
_chem_comp_atom.comp_id 
_chem_comp_atom.atom_id 
_chem_comp_atom.type_symbol 
_chem_comp_atom.pdbx_aromatic_flag 
_chem_comp_atom.pdbx_stereo_config 
_chem_comp_atom.pdbx_ordinal 
DA  OP3    O N N 1   
DA  P      P N N 2   
DA  OP1    O N N 3   
DA  OP2    O N N 4   
DA  "O5'"  O N N 5   
DA  "C5'"  C N N 6   
DA  "C4'"  C N R 7   
DA  "O4'"  O N N 8   
DA  "C3'"  C N S 9   
DA  "O3'"  O N N 10  
DA  "C2'"  C N N 11  
DA  "C1'"  C N R 12  
DA  N9     N Y N 13  
DA  C8     C Y N 14  
DA  N7     N Y N 15  
DA  C5     C Y N 16  
DA  C6     C Y N 17  
DA  N6     N N N 18  
DA  N1     N Y N 19  
DA  C2     C Y N 20  
DA  N3     N Y N 21  
DA  C4     C Y N 22  
DA  HOP3   H N N 23  
DA  HOP2   H N N 24  
DA  "H5'"  H N N 25  
DA  "H5''" H N N 26  
DA  "H4'"  H N N 27  
DA  "H3'"  H N N 28  
DA  "HO3'" H N N 29  
DA  "H2'"  H N N 30  
DA  "H2''" H N N 31  
DA  "H1'"  H N N 32  
DA  H8     H N N 33  
DA  H61    H N N 34  
DA  H62    H N N 35  
DA  H2     H N N 36  
DC  OP3    O N N 37  
DC  P      P N N 38  
DC  OP1    O N N 39  
DC  OP2    O N N 40  
DC  "O5'"  O N N 41  
DC  "C5'"  C N N 42  
DC  "C4'"  C N R 43  
DC  "O4'"  O N N 44  
DC  "C3'"  C N S 45  
DC  "O3'"  O N N 46  
DC  "C2'"  C N N 47  
DC  "C1'"  C N R 48  
DC  N1     N N N 49  
DC  C2     C N N 50  
DC  O2     O N N 51  
DC  N3     N N N 52  
DC  C4     C N N 53  
DC  N4     N N N 54  
DC  C5     C N N 55  
DC  C6     C N N 56  
DC  HOP3   H N N 57  
DC  HOP2   H N N 58  
DC  "H5'"  H N N 59  
DC  "H5''" H N N 60  
DC  "H4'"  H N N 61  
DC  "H3'"  H N N 62  
DC  "HO3'" H N N 63  
DC  "H2'"  H N N 64  
DC  "H2''" H N N 65  
DC  "H1'"  H N N 66  
DC  H41    H N N 67  
DC  H42    H N N 68  
DC  H5     H N N 69  
DC  H6     H N N 70  
DG  OP3    O N N 71  
DG  P      P N N 72  
DG  OP1    O N N 73  
DG  OP2    O N N 74  
DG  "O5'"  O N N 75  
DG  "C5'"  C N N 76  
DG  "C4'"  C N R 77  
DG  "O4'"  O N N 78  
DG  "C3'"  C N S 79  
DG  "O3'"  O N N 80  
DG  "C2'"  C N N 81  
DG  "C1'"  C N R 82  
DG  N9     N Y N 83  
DG  C8     C Y N 84  
DG  N7     N Y N 85  
DG  C5     C Y N 86  
DG  C6     C N N 87  
DG  O6     O N N 88  
DG  N1     N N N 89  
DG  C2     C N N 90  
DG  N2     N N N 91  
DG  N3     N N N 92  
DG  C4     C Y N 93  
DG  HOP3   H N N 94  
DG  HOP2   H N N 95  
DG  "H5'"  H N N 96  
DG  "H5''" H N N 97  
DG  "H4'"  H N N 98  
DG  "H3'"  H N N 99  
DG  "HO3'" H N N 100 
DG  "H2'"  H N N 101 
DG  "H2''" H N N 102 
DG  "H1'"  H N N 103 
DG  H8     H N N 104 
DG  H1     H N N 105 
DG  H21    H N N 106 
DG  H22    H N N 107 
HOH O      O N N 108 
HOH H1     H N N 109 
HOH H2     H N N 110 
# 
loop_
_chem_comp_bond.comp_id 
_chem_comp_bond.atom_id_1 
_chem_comp_bond.atom_id_2 
_chem_comp_bond.value_order 
_chem_comp_bond.pdbx_aromatic_flag 
_chem_comp_bond.pdbx_stereo_config 
_chem_comp_bond.pdbx_ordinal 
DA  OP3   P      sing N N 1   
DA  OP3   HOP3   sing N N 2   
DA  P     OP1    doub N N 3   
DA  P     OP2    sing N N 4   
DA  P     "O5'"  sing N N 5   
DA  OP2   HOP2   sing N N 6   
DA  "O5'" "C5'"  sing N N 7   
DA  "C5'" "C4'"  sing N N 8   
DA  "C5'" "H5'"  sing N N 9   
DA  "C5'" "H5''" sing N N 10  
DA  "C4'" "O4'"  sing N N 11  
DA  "C4'" "C3'"  sing N N 12  
DA  "C4'" "H4'"  sing N N 13  
DA  "O4'" "C1'"  sing N N 14  
DA  "C3'" "O3'"  sing N N 15  
DA  "C3'" "C2'"  sing N N 16  
DA  "C3'" "H3'"  sing N N 17  
DA  "O3'" "HO3'" sing N N 18  
DA  "C2'" "C1'"  sing N N 19  
DA  "C2'" "H2'"  sing N N 20  
DA  "C2'" "H2''" sing N N 21  
DA  "C1'" N9     sing N N 22  
DA  "C1'" "H1'"  sing N N 23  
DA  N9    C8     sing Y N 24  
DA  N9    C4     sing Y N 25  
DA  C8    N7     doub Y N 26  
DA  C8    H8     sing N N 27  
DA  N7    C5     sing Y N 28  
DA  C5    C6     sing Y N 29  
DA  C5    C4     doub Y N 30  
DA  C6    N6     sing N N 31  
DA  C6    N1     doub Y N 32  
DA  N6    H61    sing N N 33  
DA  N6    H62    sing N N 34  
DA  N1    C2     sing Y N 35  
DA  C2    N3     doub Y N 36  
DA  C2    H2     sing N N 37  
DA  N3    C4     sing Y N 38  
DC  OP3   P      sing N N 39  
DC  OP3   HOP3   sing N N 40  
DC  P     OP1    doub N N 41  
DC  P     OP2    sing N N 42  
DC  P     "O5'"  sing N N 43  
DC  OP2   HOP2   sing N N 44  
DC  "O5'" "C5'"  sing N N 45  
DC  "C5'" "C4'"  sing N N 46  
DC  "C5'" "H5'"  sing N N 47  
DC  "C5'" "H5''" sing N N 48  
DC  "C4'" "O4'"  sing N N 49  
DC  "C4'" "C3'"  sing N N 50  
DC  "C4'" "H4'"  sing N N 51  
DC  "O4'" "C1'"  sing N N 52  
DC  "C3'" "O3'"  sing N N 53  
DC  "C3'" "C2'"  sing N N 54  
DC  "C3'" "H3'"  sing N N 55  
DC  "O3'" "HO3'" sing N N 56  
DC  "C2'" "C1'"  sing N N 57  
DC  "C2'" "H2'"  sing N N 58  
DC  "C2'" "H2''" sing N N 59  
DC  "C1'" N1     sing N N 60  
DC  "C1'" "H1'"  sing N N 61  
DC  N1    C2     sing N N 62  
DC  N1    C6     sing N N 63  
DC  C2    O2     doub N N 64  
DC  C2    N3     sing N N 65  
DC  N3    C4     doub N N 66  
DC  C4    N4     sing N N 67  
DC  C4    C5     sing N N 68  
DC  N4    H41    sing N N 69  
DC  N4    H42    sing N N 70  
DC  C5    C6     doub N N 71  
DC  C5    H5     sing N N 72  
DC  C6    H6     sing N N 73  
DG  OP3   P      sing N N 74  
DG  OP3   HOP3   sing N N 75  
DG  P     OP1    doub N N 76  
DG  P     OP2    sing N N 77  
DG  P     "O5'"  sing N N 78  
DG  OP2   HOP2   sing N N 79  
DG  "O5'" "C5'"  sing N N 80  
DG  "C5'" "C4'"  sing N N 81  
DG  "C5'" "H5'"  sing N N 82  
DG  "C5'" "H5''" sing N N 83  
DG  "C4'" "O4'"  sing N N 84  
DG  "C4'" "C3'"  sing N N 85  
DG  "C4'" "H4'"  sing N N 86  
DG  "O4'" "C1'"  sing N N 87  
DG  "C3'" "O3'"  sing N N 88  
DG  "C3'" "C2'"  sing N N 89  
DG  "C3'" "H3'"  sing N N 90  
DG  "O3'" "HO3'" sing N N 91  
DG  "C2'" "C1'"  sing N N 92  
DG  "C2'" "H2'"  sing N N 93  
DG  "C2'" "H2''" sing N N 94  
DG  "C1'" N9     sing N N 95  
DG  "C1'" "H1'"  sing N N 96  
DG  N9    C8     sing Y N 97  
DG  N9    C4     sing Y N 98  
DG  C8    N7     doub Y N 99  
DG  C8    H8     sing N N 100 
DG  N7    C5     sing Y N 101 
DG  C5    C6     sing N N 102 
DG  C5    C4     doub Y N 103 
DG  C6    O6     doub N N 104 
DG  C6    N1     sing N N 105 
DG  N1    C2     sing N N 106 
DG  N1    H1     sing N N 107 
DG  C2    N2     sing N N 108 
DG  C2    N3     doub N N 109 
DG  N2    H21    sing N N 110 
DG  N2    H22    sing N N 111 
DG  N3    C4     sing N N 112 
HOH O     H1     sing N N 113 
HOH O     H2     sing N N 114 
# 
_ndb_struct_conf_na.entry_id   5XK1 
_ndb_struct_conf_na.feature    'a-form double helix' 
# 
loop_
_ndb_struct_na_base_pair.model_number 
_ndb_struct_na_base_pair.i_label_asym_id 
_ndb_struct_na_base_pair.i_label_comp_id 
_ndb_struct_na_base_pair.i_label_seq_id 
_ndb_struct_na_base_pair.i_symmetry 
_ndb_struct_na_base_pair.j_label_asym_id 
_ndb_struct_na_base_pair.j_label_comp_id 
_ndb_struct_na_base_pair.j_label_seq_id 
_ndb_struct_na_base_pair.j_symmetry 
_ndb_struct_na_base_pair.shear 
_ndb_struct_na_base_pair.stretch 
_ndb_struct_na_base_pair.stagger 
_ndb_struct_na_base_pair.buckle 
_ndb_struct_na_base_pair.propeller 
_ndb_struct_na_base_pair.opening 
_ndb_struct_na_base_pair.pair_number 
_ndb_struct_na_base_pair.pair_name 
_ndb_struct_na_base_pair.i_auth_asym_id 
_ndb_struct_na_base_pair.i_auth_seq_id 
_ndb_struct_na_base_pair.i_PDB_ins_code 
_ndb_struct_na_base_pair.j_auth_asym_id 
_ndb_struct_na_base_pair.j_auth_seq_id 
_ndb_struct_na_base_pair.j_PDB_ins_code 
_ndb_struct_na_base_pair.hbond_type_28 
_ndb_struct_na_base_pair.hbond_type_12 
1 A DG 1 1_555 B DC 8 1_555 -0.255 -0.152 -0.020 -8.697  -1.838  -0.647 1 A_DG1:DC8_C A 1 ? C 8 ? 19 1 
1 A DG 2 1_555 B DC 7 1_555 -0.326 -0.148 -0.237 -13.695 -15.636 1.805  2 A_DG2:DC7_C A 2 ? C 7 ? 19 1 
1 A DA 3 1_555 B DC 6 1_555 -2.461 -0.484 0.168  -2.898  -10.552 7.424  3 A_DA3:DC6_C A 3 ? C 6 ? ?  1 
1 A DG 4 1_555 B DC 5 1_555 -0.176 -0.155 0.021  -1.183  -13.048 -1.924 4 A_DG4:DC5_C A 4 ? C 5 ? 19 1 
1 A DC 5 1_555 B DG 4 1_555 0.318  -0.114 -0.062 7.513   -9.343  1.166  5 A_DC5:DG4_C A 5 ? C 4 ? 19 1 
1 A DC 6 1_555 B DA 3 1_555 2.615  -0.527 0.039  3.818   -12.337 3.369  6 A_DC6:DA3_C A 6 ? C 3 ? ?  1 
1 A DC 7 1_555 B DG 2 1_555 0.329  -0.172 -0.115 7.146   -11.470 2.089  7 A_DC7:DG2_C A 7 ? C 2 ? 19 1 
1 A DC 8 1_555 B DG 1 1_555 0.416  -0.145 -0.222 7.955   3.775   -1.304 8 A_DC8:DG1_C A 8 ? C 1 ? 19 1 
# 
loop_
_ndb_struct_na_base_pair_step.model_number 
_ndb_struct_na_base_pair_step.i_label_asym_id_1 
_ndb_struct_na_base_pair_step.i_label_comp_id_1 
_ndb_struct_na_base_pair_step.i_label_seq_id_1 
_ndb_struct_na_base_pair_step.i_symmetry_1 
_ndb_struct_na_base_pair_step.j_label_asym_id_1 
_ndb_struct_na_base_pair_step.j_label_comp_id_1 
_ndb_struct_na_base_pair_step.j_label_seq_id_1 
_ndb_struct_na_base_pair_step.j_symmetry_1 
_ndb_struct_na_base_pair_step.i_label_asym_id_2 
_ndb_struct_na_base_pair_step.i_label_comp_id_2 
_ndb_struct_na_base_pair_step.i_label_seq_id_2 
_ndb_struct_na_base_pair_step.i_symmetry_2 
_ndb_struct_na_base_pair_step.j_label_asym_id_2 
_ndb_struct_na_base_pair_step.j_label_comp_id_2 
_ndb_struct_na_base_pair_step.j_label_seq_id_2 
_ndb_struct_na_base_pair_step.j_symmetry_2 
_ndb_struct_na_base_pair_step.shift 
_ndb_struct_na_base_pair_step.slide 
_ndb_struct_na_base_pair_step.rise 
_ndb_struct_na_base_pair_step.tilt 
_ndb_struct_na_base_pair_step.roll 
_ndb_struct_na_base_pair_step.twist 
_ndb_struct_na_base_pair_step.x_displacement 
_ndb_struct_na_base_pair_step.y_displacement 
_ndb_struct_na_base_pair_step.helical_rise 
_ndb_struct_na_base_pair_step.inclination 
_ndb_struct_na_base_pair_step.tip 
_ndb_struct_na_base_pair_step.helical_twist 
_ndb_struct_na_base_pair_step.step_number 
_ndb_struct_na_base_pair_step.step_name 
_ndb_struct_na_base_pair_step.i_auth_asym_id_1 
_ndb_struct_na_base_pair_step.i_auth_seq_id_1 
_ndb_struct_na_base_pair_step.i_PDB_ins_code_1 
_ndb_struct_na_base_pair_step.j_auth_asym_id_1 
_ndb_struct_na_base_pair_step.j_auth_seq_id_1 
_ndb_struct_na_base_pair_step.j_PDB_ins_code_1 
_ndb_struct_na_base_pair_step.i_auth_asym_id_2 
_ndb_struct_na_base_pair_step.i_auth_seq_id_2 
_ndb_struct_na_base_pair_step.i_PDB_ins_code_2 
_ndb_struct_na_base_pair_step.j_auth_asym_id_2 
_ndb_struct_na_base_pair_step.j_auth_seq_id_2 
_ndb_struct_na_base_pair_step.j_PDB_ins_code_2 
1 A DG 1 1_555 B DC 8 1_555 A DG 2 1_555 B DC 7 1_555 0.441  -1.861 3.462 3.061  9.065 32.973 -4.567 -0.272 2.892 15.567 -5.256 
34.296 1 AA_DG1DG2:DC7DC8_CC A 1 ? C 8 ? A 2 ? C 7 ? 
1 A DG 2 1_555 B DC 7 1_555 A DA 3 1_555 B DC 6 1_555 0.133  -1.656 2.844 -4.275 5.645 22.562 -5.557 -1.472 2.302 13.992 10.597 
23.633 2 AA_DG2DA3:DC6DC7_CC A 2 ? C 7 ? A 3 ? C 6 ? 
1 A DA 3 1_555 B DC 6 1_555 A DG 4 1_555 B DC 5 1_555 -0.616 -0.921 3.348 -0.071 4.975 41.198 -1.834 0.863  3.221 7.039  0.101  
41.484 3 AA_DA3DG4:DC5DC6_CC A 3 ? C 6 ? A 4 ? C 5 ? 
1 A DG 4 1_555 B DC 5 1_555 A DC 5 1_555 B DG 4 1_555 0.647  -1.071 3.129 2.423  8.596 32.282 -3.170 -0.754 2.800 15.103 -4.257 
33.463 4 AA_DG4DC5:DG4DC5_CC A 4 ? C 5 ? A 5 ? C 4 ? 
1 A DC 5 1_555 B DG 4 1_555 A DC 6 1_555 B DA 3 1_555 0.384  -1.374 3.429 1.824  5.367 42.624 -2.420 -0.339 3.254 7.344  -2.495 
42.981 5 AA_DC5DC6:DA3DG4_CC A 5 ? C 4 ? A 6 ? C 3 ? 
1 A DC 6 1_555 B DA 3 1_555 A DC 7 1_555 B DG 2 1_555 -0.308 -1.996 3.013 1.773  6.320 21.491 -7.065 1.335  2.306 16.460 -4.619 
22.459 6 AA_DC6DC7:DG2DA3_CC A 6 ? C 3 ? A 7 ? C 2 ? 
1 A DC 7 1_555 B DG 2 1_555 A DC 8 1_555 B DG 1 1_555 -0.403 -2.108 3.326 -1.587 7.405 30.803 -5.149 0.462  2.774 13.684 2.932  
31.698 7 AA_DC7DC8:DG1DG2_CC A 7 ? C 2 ? A 8 ? C 1 ? 
# 
_pdbx_audit_support.funding_organization   'National Natural Science Foundation of China' 
_pdbx_audit_support.country                China 
_pdbx_audit_support.grant_number           31370728 
_pdbx_audit_support.ordinal                1 
# 
_pdbx_entity_nonpoly.entity_id   2 
_pdbx_entity_nonpoly.name        water 
_pdbx_entity_nonpoly.comp_id     HOH 
# 
_pdbx_initial_refinement_model.id               1 
_pdbx_initial_refinement_model.entity_id_list   ? 
_pdbx_initial_refinement_model.type             'experimental model' 
_pdbx_initial_refinement_model.source_name      PDB 
_pdbx_initial_refinement_model.accession_code   4F4N 
_pdbx_initial_refinement_model.details          ? 
# 
_pdbx_struct_assembly_auth_evidence.id                     1 
_pdbx_struct_assembly_auth_evidence.assembly_id            1 
_pdbx_struct_assembly_auth_evidence.experimental_support   none 
_pdbx_struct_assembly_auth_evidence.details                ? 
# 
